data_7TXF
#
_entry.id   7TXF
#
_cell.length_a   68.909
_cell.length_b   119.573
_cell.length_c   150.733
_cell.angle_alpha   90.00
_cell.angle_beta   90.00
_cell.angle_gamma   90.00
#
_symmetry.space_group_name_H-M   'P 21 21 21'
#
loop_
_entity.id
_entity.type
_entity.pdbx_description
1 polymer 'Acetylcholine-binding protein'
2 polymer 'Alpha-conotoxin VxXXB'
#
loop_
_entity_poly.entity_id
_entity_poly.type
_entity_poly.pdbx_seq_one_letter_code
_entity_poly.pdbx_strand_id
1 'polypeptide(L)'
;LDRADILYNIRQTSRPDVIPTQRDRPVAVSVSLKFINILEVNEITNEVDVVFWQQTTWSDRTLAWNSSHSPDQVSVPISS
LWVPDLAAYNAISKPEVLTPQLARVVSDGEVLYMPSIRQRFSCDVSGVDTESGATCRIKIGSWTHHSREISVDPTTENSD
DSEYFSQYSRFEILDVTQKKNSVTYSCCPEAYEDVEVSLNFRKKG
;
A,B,C,D,E
2 'polypeptide(L)' TRMCGSMSCPRNGCTCVYHWRRGHGCSCPG F,G,H
#
# COMPACT_ATOMS: atom_id res chain seq x y z
N LEU A 1 21.98 30.87 -9.65
CA LEU A 1 21.31 29.89 -8.72
C LEU A 1 21.51 28.54 -9.35
N ASP A 2 21.80 27.54 -8.54
CA ASP A 2 21.79 26.14 -9.04
C ASP A 2 20.47 25.44 -8.68
N ARG A 3 20.30 24.21 -9.15
CA ARG A 3 19.05 23.44 -8.97
C ARG A 3 18.75 23.25 -7.48
N ALA A 4 19.77 22.99 -6.66
CA ALA A 4 19.54 22.81 -5.21
C ALA A 4 18.99 24.07 -4.55
N ASP A 5 19.53 25.22 -4.97
CA ASP A 5 19.12 26.54 -4.45
C ASP A 5 17.68 26.82 -4.85
N ILE A 6 17.34 26.53 -6.11
CA ILE A 6 15.99 26.71 -6.57
C ILE A 6 15.04 25.86 -5.75
N LEU A 7 15.40 24.59 -5.51
CA LEU A 7 14.51 23.69 -4.78
C LEU A 7 14.34 24.18 -3.35
N TYR A 8 15.44 24.65 -2.75
CA TYR A 8 15.43 25.26 -1.39
C TYR A 8 14.44 26.44 -1.38
N ASN A 9 14.55 27.37 -2.33
CA ASN A 9 13.68 28.54 -2.34
C ASN A 9 12.23 28.17 -2.55
N ILE A 10 11.99 27.22 -3.45
CA ILE A 10 10.65 26.74 -3.68
C ILE A 10 10.02 26.19 -2.39
N ARG A 11 10.80 25.43 -1.60
CA ARG A 11 10.28 24.82 -0.34
C ARG A 11 9.94 25.92 0.67
N GLN A 12 10.87 26.86 0.92
CA GLN A 12 10.60 28.02 1.78
C GLN A 12 9.41 28.85 1.40
N THR A 13 9.15 28.98 0.09
CA THR A 13 8.13 29.88 -0.42
C THR A 13 6.77 29.21 -0.67
N SER A 14 6.79 27.99 -1.23
CA SER A 14 5.58 27.21 -1.40
C SER A 14 5.08 26.76 -0.07
N ARG A 15 3.78 27.01 0.16
CA ARG A 15 3.01 26.52 1.32
C ARG A 15 2.06 25.48 0.74
N PRO A 16 2.35 24.18 0.81
CA PRO A 16 1.55 23.18 0.10
C PRO A 16 0.07 23.12 0.54
N ASP A 17 -0.26 23.60 1.74
CA ASP A 17 -1.62 23.58 2.22
C ASP A 17 -2.36 24.90 2.07
N VAL A 18 -1.74 25.89 1.43
CA VAL A 18 -2.34 27.19 1.25
C VAL A 18 -2.42 27.53 -0.25
N ILE A 19 -3.63 27.78 -0.72
CA ILE A 19 -3.87 28.17 -2.07
C ILE A 19 -3.10 29.47 -2.31
N PRO A 20 -2.31 29.58 -3.39
CA PRO A 20 -1.49 30.77 -3.62
C PRO A 20 -2.30 31.88 -4.31
N THR A 21 -3.40 32.32 -3.71
CA THR A 21 -4.14 33.44 -4.27
C THR A 21 -3.29 34.64 -4.03
N GLN A 22 -3.21 35.47 -5.06
CA GLN A 22 -2.39 36.69 -5.06
C GLN A 22 -3.36 37.86 -5.15
N ARG A 23 -3.47 38.61 -4.06
CA ARG A 23 -4.34 39.81 -3.88
C ARG A 23 -5.82 39.40 -4.03
N ASP A 24 -6.20 38.26 -3.46
CA ASP A 24 -7.53 37.68 -3.60
C ASP A 24 -8.21 37.82 -5.00
N ARG A 25 -7.42 37.52 -6.04
CA ARG A 25 -7.89 37.01 -7.36
C ARG A 25 -7.75 35.49 -7.38
N PRO A 26 -8.59 34.78 -8.16
CA PRO A 26 -8.58 33.32 -8.15
C PRO A 26 -7.32 32.74 -8.80
N VAL A 27 -6.87 31.57 -8.37
CA VAL A 27 -5.84 30.86 -9.07
C VAL A 27 -6.48 30.23 -10.29
N ALA A 28 -5.96 30.58 -11.48
CA ALA A 28 -6.41 30.05 -12.76
C ALA A 28 -5.75 28.69 -13.02
N VAL A 29 -6.52 27.62 -12.88
CA VAL A 29 -6.07 26.28 -13.17
C VAL A 29 -6.59 25.88 -14.55
N SER A 30 -5.72 25.33 -15.39
CA SER A 30 -6.15 24.82 -16.67
C SER A 30 -5.94 23.30 -16.64
N VAL A 31 -6.90 22.55 -17.18
CA VAL A 31 -6.82 21.10 -17.18
C VAL A 31 -7.30 20.52 -18.50
N SER A 32 -6.65 19.46 -18.93
CA SER A 32 -7.04 18.72 -20.13
C SER A 32 -6.65 17.27 -19.95
N LEU A 33 -7.56 16.36 -20.35
CA LEU A 33 -7.29 14.94 -20.36
C LEU A 33 -6.83 14.46 -21.72
N LYS A 34 -5.72 13.72 -21.76
CA LYS A 34 -5.31 12.96 -22.92
C LYS A 34 -5.49 11.49 -22.60
N PHE A 35 -6.38 10.84 -23.35
CA PHE A 35 -6.67 9.43 -23.16
C PHE A 35 -5.64 8.55 -23.84
N ILE A 36 -5.15 7.59 -23.04
CA ILE A 36 -4.10 6.68 -23.44
C ILE A 36 -4.71 5.31 -23.71
N ASN A 37 -5.63 4.87 -22.86
CA ASN A 37 -6.25 3.57 -23.02
C ASN A 37 -7.58 3.44 -22.33
N ILE A 38 -8.44 2.58 -22.89
CA ILE A 38 -9.69 2.18 -22.30
C ILE A 38 -9.57 0.70 -22.16
N LEU A 39 -9.63 0.19 -20.94
CA LEU A 39 -9.18 -1.15 -20.64
C LEU A 39 -10.29 -2.11 -20.52
N GLU A 40 -11.20 -1.79 -19.61
CA GLU A 40 -12.25 -2.70 -19.33
C GLU A 40 -13.50 -1.89 -19.48
N VAL A 41 -14.52 -2.55 -20.03
CA VAL A 41 -15.88 -2.09 -20.08
C VAL A 41 -16.68 -3.19 -19.41
N ASN A 42 -17.72 -2.79 -18.68
CA ASN A 42 -18.56 -3.73 -17.95
C ASN A 42 -20.05 -3.48 -18.24
N GLU A 43 -20.64 -4.37 -19.04
CA GLU A 43 -22.06 -4.41 -19.40
C GLU A 43 -22.92 -4.52 -18.15
N ILE A 44 -22.52 -5.44 -17.25
CA ILE A 44 -23.22 -5.71 -15.98
C ILE A 44 -23.22 -4.46 -15.08
N THR A 45 -22.04 -3.96 -14.70
CA THR A 45 -21.95 -2.87 -13.72
C THR A 45 -22.04 -1.45 -14.31
N ASN A 46 -21.99 -1.31 -15.63
CA ASN A 46 -21.85 0.01 -16.29
C ASN A 46 -20.64 0.84 -15.84
N GLU A 47 -19.50 0.15 -15.70
CA GLU A 47 -18.24 0.79 -15.39
C GLU A 47 -17.32 0.77 -16.63
N VAL A 48 -16.54 1.83 -16.78
CA VAL A 48 -15.43 1.86 -17.72
C VAL A 48 -14.16 2.22 -16.96
N ASP A 49 -13.08 1.53 -17.34
CA ASP A 49 -11.79 1.66 -16.70
C ASP A 49 -10.85 2.31 -17.71
N VAL A 50 -10.30 3.47 -17.35
CA VAL A 50 -9.65 4.35 -18.32
C VAL A 50 -8.27 4.77 -17.81
N VAL A 51 -7.29 4.86 -18.72
CA VAL A 51 -5.99 5.48 -18.44
C VAL A 51 -5.88 6.79 -19.20
N PHE A 52 -5.49 7.88 -18.51
CA PHE A 52 -5.34 9.20 -19.11
C PHE A 52 -4.24 10.00 -18.47
N TRP A 53 -3.63 10.90 -19.28
CA TRP A 53 -2.71 11.89 -18.79
C TRP A 53 -3.52 13.14 -18.48
N GLN A 54 -3.39 13.62 -17.24
CA GLN A 54 -4.10 14.81 -16.80
C GLN A 54 -3.18 16.00 -16.85
N GLN A 55 -3.16 16.70 -17.98
CA GLN A 55 -2.37 17.89 -18.09
C GLN A 55 -2.96 19.01 -17.24
N THR A 56 -2.23 19.40 -16.20
CA THR A 56 -2.71 20.40 -15.25
C THR A 56 -1.69 21.52 -15.14
N THR A 57 -2.14 22.77 -15.27
CA THR A 57 -1.23 23.89 -15.09
C THR A 57 -1.83 25.03 -14.32
N TRP A 58 -0.95 25.79 -13.65
CA TRP A 58 -1.36 26.99 -12.88
C TRP A 58 -0.10 27.77 -12.61
N SER A 59 -0.28 28.97 -12.07
CA SER A 59 0.81 29.91 -11.82
C SER A 59 0.85 30.13 -10.30
N ASP A 60 2.07 30.19 -9.77
CA ASP A 60 2.32 30.66 -8.44
C ASP A 60 3.53 31.58 -8.53
N ARG A 61 3.28 32.88 -8.73
CA ARG A 61 4.32 33.88 -9.07
C ARG A 61 5.34 33.99 -7.93
N THR A 62 5.00 33.59 -6.71
CA THR A 62 5.93 33.69 -5.59
C THR A 62 7.09 32.70 -5.71
N LEU A 63 6.90 31.64 -6.51
CA LEU A 63 7.95 30.68 -6.81
C LEU A 63 9.01 31.17 -7.79
N ALA A 64 8.72 32.27 -8.50
CA ALA A 64 9.56 32.72 -9.60
C ALA A 64 11.00 33.03 -9.17
N TRP A 65 11.93 32.84 -10.10
CA TRP A 65 13.32 33.26 -9.93
C TRP A 65 13.86 33.81 -11.25
N ASN A 66 14.96 34.56 -11.17
CA ASN A 66 15.66 35.03 -12.34
C ASN A 66 16.47 33.90 -12.98
N SER A 67 16.20 33.63 -14.26
CA SER A 67 16.73 32.48 -14.95
C SER A 67 17.89 32.72 -15.92
N SER A 68 18.38 33.96 -16.03
CA SER A 68 19.64 34.19 -16.74
C SER A 68 20.68 33.58 -15.81
N HIS A 69 21.68 32.91 -16.40
CA HIS A 69 22.73 32.22 -15.66
C HIS A 69 22.23 31.18 -14.65
N SER A 70 20.95 30.75 -14.76
CA SER A 70 20.35 29.74 -13.91
C SER A 70 19.47 28.85 -14.79
N PRO A 71 19.16 27.61 -14.36
CA PRO A 71 18.19 26.79 -15.09
C PRO A 71 16.80 27.46 -15.16
N ASP A 72 16.11 27.27 -16.28
CA ASP A 72 14.84 27.92 -16.56
C ASP A 72 13.67 27.12 -16.00
N GLN A 73 13.90 25.82 -15.74
CA GLN A 73 12.95 24.97 -15.05
C GLN A 73 13.64 24.00 -14.13
N VAL A 74 12.85 23.45 -13.20
CA VAL A 74 13.22 22.34 -12.37
C VAL A 74 12.02 21.40 -12.18
N SER A 75 12.31 20.18 -11.75
CA SER A 75 11.33 19.16 -11.45
C SER A 75 11.34 19.11 -9.93
N VAL A 76 10.15 19.04 -9.34
CA VAL A 76 9.97 19.25 -7.91
C VAL A 76 8.95 18.21 -7.45
N PRO A 77 9.16 17.51 -6.34
CA PRO A 77 8.14 16.59 -5.82
C PRO A 77 6.86 17.39 -5.50
N ILE A 78 5.69 16.85 -5.83
CA ILE A 78 4.45 17.61 -5.53
C ILE A 78 4.16 17.86 -4.06
N SER A 79 4.75 17.06 -3.18
CA SER A 79 4.55 17.27 -1.76
C SER A 79 5.21 18.57 -1.27
N SER A 80 6.10 19.15 -2.10
CA SER A 80 6.73 20.44 -1.81
C SER A 80 5.96 21.67 -2.30
N LEU A 81 4.86 21.44 -3.00
CA LEU A 81 4.09 22.46 -3.69
C LEU A 81 2.62 22.37 -3.33
N TRP A 82 1.90 23.49 -3.42
CA TRP A 82 0.47 23.48 -3.49
C TRP A 82 0.13 22.98 -4.89
N VAL A 83 -0.78 22.00 -4.93
CA VAL A 83 -1.43 21.51 -6.13
C VAL A 83 -2.95 21.68 -5.97
N PRO A 84 -3.70 22.02 -7.03
CA PRO A 84 -5.15 22.15 -6.92
C PRO A 84 -5.82 20.83 -6.49
N ASP A 85 -6.92 20.96 -5.73
CA ASP A 85 -7.64 19.85 -5.10
C ASP A 85 -8.69 19.37 -6.10
N LEU A 86 -8.23 19.06 -7.33
CA LEU A 86 -9.10 18.62 -8.37
C LEU A 86 -9.61 17.22 -8.08
N ALA A 87 -10.85 16.98 -8.52
CA ALA A 87 -11.48 15.69 -8.39
C ALA A 87 -12.42 15.48 -9.53
N ALA A 88 -12.56 14.21 -9.94
CA ALA A 88 -13.64 13.82 -10.83
C ALA A 88 -14.86 13.56 -9.98
N TYR A 89 -15.85 14.42 -10.06
CA TYR A 89 -17.08 14.40 -9.23
C TYR A 89 -17.78 13.03 -9.29
N ASN A 90 -17.70 12.33 -10.42
CA ASN A 90 -18.44 11.11 -10.67
C ASN A 90 -17.52 9.88 -10.84
N ALA A 91 -16.31 9.97 -10.29
CA ALA A 91 -15.40 8.81 -10.31
C ALA A 91 -15.92 7.82 -9.28
N ILE A 92 -15.71 6.54 -9.52
CA ILE A 92 -16.20 5.51 -8.61
C ILE A 92 -15.07 4.63 -8.09
N SER A 93 -13.83 5.03 -8.38
CA SER A 93 -12.66 4.45 -7.77
C SER A 93 -11.72 5.61 -7.48
N LYS A 94 -10.75 5.37 -6.59
CA LYS A 94 -9.74 6.39 -6.34
C LYS A 94 -8.81 6.42 -7.52
N PRO A 95 -8.24 7.58 -7.88
CA PRO A 95 -7.29 7.63 -9.00
C PRO A 95 -5.97 6.95 -8.64
N GLU A 96 -5.55 5.94 -9.41
CA GLU A 96 -4.25 5.29 -9.28
C GLU A 96 -3.29 6.09 -10.15
N VAL A 97 -2.35 6.79 -9.50
CA VAL A 97 -1.28 7.51 -10.19
C VAL A 97 -0.18 6.55 -10.56
N LEU A 98 0.13 6.47 -11.85
CA LEU A 98 1.07 5.49 -12.38
C LEU A 98 2.48 5.98 -12.49
N THR A 99 2.69 7.30 -12.41
CA THR A 99 3.93 7.94 -12.79
C THR A 99 4.59 8.59 -11.59
N PRO A 100 5.88 8.97 -11.67
CA PRO A 100 6.54 9.74 -10.60
C PRO A 100 5.81 11.06 -10.29
N GLN A 101 5.62 11.34 -9.02
CA GLN A 101 4.83 12.45 -8.57
C GLN A 101 5.65 13.72 -8.50
N LEU A 102 5.99 14.23 -9.68
CA LEU A 102 6.87 15.37 -9.82
C LEU A 102 6.16 16.33 -10.71
N ALA A 103 6.31 17.62 -10.40
CA ALA A 103 5.84 18.67 -11.26
C ALA A 103 7.03 19.41 -11.80
N ARG A 104 6.81 20.11 -12.91
CA ARG A 104 7.80 20.97 -13.56
C ARG A 104 7.48 22.42 -13.15
N VAL A 105 8.44 23.15 -12.57
CA VAL A 105 8.26 24.54 -12.22
C VAL A 105 9.15 25.36 -13.15
N VAL A 106 8.50 26.31 -13.84
CA VAL A 106 9.17 27.25 -14.72
C VAL A 106 9.58 28.49 -13.91
N SER A 107 10.68 29.12 -14.30
CA SER A 107 11.28 30.23 -13.58
C SER A 107 10.35 31.44 -13.39
N ASP A 108 9.28 31.50 -14.19
CA ASP A 108 8.26 32.53 -14.06
C ASP A 108 7.15 32.17 -13.07
N GLY A 109 7.21 30.98 -12.48
CA GLY A 109 6.23 30.52 -11.51
C GLY A 109 5.13 29.64 -12.06
N GLU A 110 5.16 29.36 -13.36
CA GLU A 110 4.21 28.43 -13.94
C GLU A 110 4.53 27.00 -13.45
N VAL A 111 3.48 26.23 -13.13
CA VAL A 111 3.63 24.84 -12.71
C VAL A 111 2.90 23.93 -13.69
N LEU A 112 3.58 22.88 -14.13
CA LEU A 112 3.02 21.85 -15.02
C LEU A 112 3.13 20.52 -14.29
N TYR A 113 1.97 19.92 -14.00
CA TYR A 113 1.82 18.57 -13.37
C TYR A 113 0.96 17.73 -14.32
N MET A 114 1.52 16.59 -14.78
CA MET A 114 0.87 15.73 -15.75
C MET A 114 1.03 14.28 -15.33
N PRO A 115 0.29 13.85 -14.30
CA PRO A 115 0.30 12.44 -13.90
C PRO A 115 -0.44 11.59 -14.95
N SER A 116 0.02 10.35 -15.12
CA SER A 116 -0.77 9.34 -15.78
C SER A 116 -1.63 8.68 -14.71
N ILE A 117 -2.94 8.66 -14.96
CA ILE A 117 -3.91 8.18 -13.98
C ILE A 117 -4.77 7.05 -14.56
N ARG A 118 -4.97 6.02 -13.75
CA ARG A 118 -5.94 4.95 -14.06
C ARG A 118 -7.12 5.05 -13.11
N GLN A 119 -8.33 5.09 -13.65
CA GLN A 119 -9.52 5.36 -12.86
C GLN A 119 -10.78 4.81 -13.53
N ARG A 120 -11.72 4.33 -12.70
CA ARG A 120 -13.03 3.83 -13.14
C ARG A 120 -14.05 4.97 -13.10
N PHE A 121 -14.93 5.02 -14.11
CA PHE A 121 -16.08 5.91 -14.14
C PHE A 121 -17.38 5.14 -14.44
N SER A 122 -18.54 5.75 -14.16
CA SER A 122 -19.82 5.19 -14.52
C SER A 122 -20.09 5.60 -15.96
N CYS A 123 -20.49 4.63 -16.78
CA CYS A 123 -20.74 4.84 -18.19
C CYS A 123 -21.91 4.01 -18.71
N ASP A 124 -22.67 4.60 -19.65
CA ASP A 124 -23.63 3.87 -20.44
C ASP A 124 -22.85 3.05 -21.47
N VAL A 125 -22.76 1.73 -21.27
CA VAL A 125 -21.89 0.87 -22.08
C VAL A 125 -22.62 -0.02 -23.07
N SER A 126 -23.93 0.18 -23.24
CA SER A 126 -24.71 -0.63 -24.19
C SER A 126 -24.32 -0.37 -25.66
N GLY A 127 -24.08 0.91 -25.99
CA GLY A 127 -23.82 1.33 -27.36
C GLY A 127 -22.36 1.27 -27.78
N VAL A 128 -21.48 0.85 -26.86
CA VAL A 128 -20.08 0.56 -27.13
C VAL A 128 -19.89 -0.35 -28.36
N ASP A 129 -20.82 -1.30 -28.58
CA ASP A 129 -20.81 -2.20 -29.74
C ASP A 129 -21.54 -1.68 -30.98
N THR A 130 -21.95 -0.41 -30.97
CA THR A 130 -22.67 0.20 -32.09
C THR A 130 -21.77 1.22 -32.82
N GLU A 131 -22.22 1.63 -34.00
CA GLU A 131 -21.50 2.57 -34.87
C GLU A 131 -21.32 3.91 -34.18
N SER A 132 -22.38 4.37 -33.52
CA SER A 132 -22.40 5.67 -32.84
C SER A 132 -21.54 5.64 -31.56
N GLY A 133 -21.51 4.48 -30.89
CA GLY A 133 -20.63 4.25 -29.75
C GLY A 133 -21.25 4.61 -28.43
N ALA A 134 -20.46 4.54 -27.35
CA ALA A 134 -20.82 5.02 -26.02
C ALA A 134 -20.08 6.33 -25.74
N THR A 135 -20.59 7.09 -24.77
CA THR A 135 -19.95 8.31 -24.30
C THR A 135 -19.77 8.20 -22.76
N CYS A 136 -18.52 8.40 -22.34
CA CYS A 136 -18.17 8.62 -20.95
C CYS A 136 -17.94 10.08 -20.66
N ARG A 137 -18.66 10.66 -19.68
CA ARG A 137 -18.47 12.08 -19.26
C ARG A 137 -17.70 12.09 -17.96
N ILE A 138 -16.64 12.89 -17.89
CA ILE A 138 -15.84 13.02 -16.68
C ILE A 138 -15.91 14.48 -16.31
N LYS A 139 -16.37 14.75 -15.10
CA LYS A 139 -16.58 16.11 -14.61
C LYS A 139 -15.48 16.38 -13.61
N ILE A 140 -14.61 17.35 -13.92
CA ILE A 140 -13.48 17.68 -13.06
C ILE A 140 -13.51 19.13 -12.59
N GLY A 141 -13.38 19.29 -11.26
CA GLY A 141 -13.40 20.58 -10.62
C GLY A 141 -12.63 20.57 -9.31
N SER A 142 -12.52 21.75 -8.70
CA SER A 142 -11.97 21.85 -7.38
C SER A 142 -13.04 21.26 -6.43
N TRP A 143 -12.59 20.42 -5.50
CA TRP A 143 -13.50 19.80 -4.57
C TRP A 143 -13.98 20.81 -3.51
N THR A 144 -13.12 21.75 -3.11
CA THR A 144 -13.49 22.66 -2.00
C THR A 144 -13.50 24.13 -2.26
N HIS A 145 -12.93 24.56 -3.39
CA HIS A 145 -12.85 25.98 -3.73
C HIS A 145 -13.86 26.37 -4.80
N HIS A 146 -14.54 27.48 -4.59
CA HIS A 146 -15.41 28.08 -5.59
C HIS A 146 -14.65 29.07 -6.49
N SER A 147 -15.38 29.68 -7.42
CA SER A 147 -14.82 30.44 -8.54
C SER A 147 -14.03 31.69 -8.20
N ARG A 148 -14.26 32.27 -7.00
CA ARG A 148 -13.45 33.42 -6.51
C ARG A 148 -12.10 32.94 -5.98
N GLU A 149 -11.91 31.63 -5.78
CA GLU A 149 -10.65 31.09 -5.24
C GLU A 149 -9.86 30.28 -6.25
N ILE A 150 -10.55 29.41 -6.99
CA ILE A 150 -9.98 28.69 -8.14
C ILE A 150 -10.90 28.82 -9.35
N SER A 151 -10.31 29.13 -10.50
CA SER A 151 -11.05 29.02 -11.78
C SER A 151 -10.48 27.80 -12.53
N VAL A 152 -11.34 27.07 -13.23
CA VAL A 152 -10.97 25.85 -13.92
C VAL A 152 -11.39 25.99 -15.35
N ASP A 153 -10.40 25.92 -16.24
CA ASP A 153 -10.66 26.07 -17.67
C ASP A 153 -10.04 24.94 -18.47
N PRO A 154 -10.71 24.51 -19.55
CA PRO A 154 -10.13 23.50 -20.43
C PRO A 154 -8.96 24.16 -21.15
N THR A 155 -7.82 23.47 -21.28
CA THR A 155 -6.72 24.05 -22.04
C THR A 155 -7.21 24.04 -23.48
N THR A 156 -6.87 25.06 -24.26
CA THR A 156 -7.22 25.03 -25.67
C THR A 156 -5.95 24.52 -26.32
N GLU A 157 -6.12 23.54 -27.19
CA GLU A 157 -5.04 22.71 -27.67
C GLU A 157 -5.37 22.33 -29.07
N ASN A 158 -4.38 21.72 -29.74
CA ASN A 158 -4.46 21.26 -31.09
C ASN A 158 -4.57 19.74 -31.04
N SER A 159 -3.47 19.08 -30.62
CA SER A 159 -3.25 17.64 -30.78
C SER A 159 -4.52 16.80 -30.97
N ASP A 160 -4.46 15.86 -31.92
CA ASP A 160 -5.57 14.93 -32.15
C ASP A 160 -6.15 14.35 -30.85
N ASP A 161 -7.41 13.92 -30.95
CA ASP A 161 -8.14 13.31 -29.84
C ASP A 161 -7.36 12.08 -29.44
N SER A 162 -7.11 11.19 -30.40
CA SER A 162 -6.48 9.89 -30.15
C SER A 162 -4.98 9.92 -30.39
N GLU A 163 -4.36 11.08 -30.16
CA GLU A 163 -2.98 11.33 -30.60
C GLU A 163 -2.00 10.44 -29.85
N TYR A 164 -2.33 10.17 -28.59
CA TYR A 164 -1.50 9.31 -27.68
C TYR A 164 -2.29 8.07 -27.29
N PHE A 165 -3.42 7.78 -27.95
CA PHE A 165 -4.22 6.61 -27.64
C PHE A 165 -3.57 5.33 -28.18
N SER A 166 -3.45 4.31 -27.31
CA SER A 166 -2.85 3.03 -27.69
C SER A 166 -3.59 2.47 -28.87
N GLN A 167 -2.86 2.12 -29.93
CA GLN A 167 -3.43 1.51 -31.12
C GLN A 167 -3.77 0.01 -30.90
N TYR A 168 -3.29 -0.54 -29.79
CA TYR A 168 -3.51 -1.95 -29.39
C TYR A 168 -4.75 -2.08 -28.49
N SER A 169 -5.38 -0.96 -28.09
CA SER A 169 -6.67 -1.00 -27.40
C SER A 169 -7.75 -1.70 -28.20
N ARG A 170 -8.68 -2.35 -27.51
CA ARG A 170 -9.90 -2.97 -28.12
C ARG A 170 -10.87 -1.90 -28.61
N PHE A 171 -10.75 -0.67 -28.11
CA PHE A 171 -11.67 0.40 -28.46
C PHE A 171 -10.99 1.44 -29.29
N GLU A 172 -11.80 2.25 -29.97
CA GLU A 172 -11.32 3.41 -30.73
C GLU A 172 -12.10 4.63 -30.29
N ILE A 173 -11.41 5.78 -30.31
CA ILE A 173 -11.96 7.08 -29.98
C ILE A 173 -12.59 7.74 -31.21
N LEU A 174 -13.88 7.99 -31.12
CA LEU A 174 -14.64 8.69 -32.14
C LEU A 174 -14.47 10.20 -31.97
N ASP A 175 -14.54 10.65 -30.71
CA ASP A 175 -14.49 12.08 -30.38
C ASP A 175 -14.23 12.31 -28.89
N VAL A 176 -13.46 13.37 -28.60
CA VAL A 176 -13.33 13.90 -27.26
C VAL A 176 -13.79 15.36 -27.33
N THR A 177 -14.64 15.78 -26.39
CA THR A 177 -14.96 17.20 -26.22
C THR A 177 -14.79 17.65 -24.78
N GLN A 178 -14.34 18.88 -24.58
CA GLN A 178 -13.95 19.39 -23.26
C GLN A 178 -14.59 20.74 -23.10
N LYS A 179 -15.63 20.86 -22.29
CA LYS A 179 -16.32 22.13 -22.14
C LYS A 179 -16.42 22.52 -20.67
N LYS A 180 -16.64 23.81 -20.42
CA LYS A 180 -16.65 24.38 -19.09
C LYS A 180 -18.07 24.58 -18.58
N ASN A 181 -18.27 24.33 -17.28
CA ASN A 181 -19.49 24.71 -16.56
C ASN A 181 -19.22 25.56 -15.33
N SER A 182 -20.22 26.38 -15.01
CA SER A 182 -20.29 27.19 -13.81
C SER A 182 -21.64 26.90 -13.21
N VAL A 183 -21.64 26.28 -12.02
CA VAL A 183 -22.87 26.10 -11.24
C VAL A 183 -22.98 27.20 -10.16
N THR A 184 -24.08 27.95 -10.14
CA THR A 184 -24.22 29.18 -9.37
C THR A 184 -25.60 29.16 -8.70
N TYR A 185 -25.66 29.64 -7.46
CA TYR A 185 -26.81 29.49 -6.52
C TYR A 185 -27.28 30.88 -6.10
N SER A 186 -28.55 31.06 -5.73
CA SER A 186 -29.04 32.34 -5.17
C SER A 186 -28.43 32.69 -3.80
N CYS A 187 -27.85 31.68 -3.13
CA CYS A 187 -27.08 31.81 -1.90
C CYS A 187 -25.91 32.76 -1.98
N CYS A 188 -25.13 32.62 -3.06
CA CYS A 188 -23.77 33.08 -3.13
C CYS A 188 -23.54 33.88 -4.40
N PRO A 189 -22.68 34.93 -4.42
CA PRO A 189 -22.26 35.54 -5.68
C PRO A 189 -21.24 34.70 -6.46
N GLU A 190 -20.61 33.72 -5.79
CA GLU A 190 -19.58 32.89 -6.41
C GLU A 190 -20.23 31.63 -6.98
N ALA A 191 -19.50 30.98 -7.90
CA ALA A 191 -19.90 29.80 -8.65
C ALA A 191 -18.94 28.63 -8.34
N TYR A 192 -19.35 27.40 -8.67
CA TYR A 192 -18.46 26.22 -8.69
C TYR A 192 -18.19 25.80 -10.15
N GLU A 193 -16.92 25.77 -10.54
CA GLU A 193 -16.52 25.55 -11.90
C GLU A 193 -16.00 24.13 -12.10
N ASP A 194 -16.36 23.53 -13.24
CA ASP A 194 -15.79 22.25 -13.66
C ASP A 194 -15.53 22.24 -15.15
N VAL A 195 -14.76 21.25 -15.57
CA VAL A 195 -14.60 20.92 -16.97
C VAL A 195 -15.25 19.58 -17.18
N GLU A 196 -16.16 19.50 -18.17
CA GLU A 196 -16.86 18.26 -18.53
C GLU A 196 -16.13 17.73 -19.78
N VAL A 197 -15.53 16.55 -19.64
CA VAL A 197 -14.85 15.89 -20.72
C VAL A 197 -15.73 14.75 -21.19
N SER A 198 -16.07 14.76 -22.48
CA SER A 198 -16.84 13.71 -23.13
C SER A 198 -15.96 12.83 -24.05
N LEU A 199 -15.93 11.54 -23.71
CA LEU A 199 -15.16 10.53 -24.43
C LEU A 199 -16.15 9.64 -25.16
N ASN A 200 -16.22 9.83 -26.47
CA ASN A 200 -17.09 9.03 -27.32
C ASN A 200 -16.22 7.94 -27.94
N PHE A 201 -16.47 6.68 -27.55
CA PHE A 201 -15.65 5.55 -27.99
C PHE A 201 -16.51 4.33 -28.29
N ARG A 202 -15.97 3.39 -29.07
CA ARG A 202 -16.65 2.11 -29.39
C ARG A 202 -15.63 0.98 -29.55
N LYS A 203 -16.12 -0.26 -29.54
CA LYS A 203 -15.33 -1.42 -29.86
C LYS A 203 -14.99 -1.38 -31.33
N LYS A 204 -13.77 -1.81 -31.67
CA LYS A 204 -13.39 -2.05 -33.05
C LYS A 204 -13.95 -3.39 -33.47
N GLY A 205 -14.36 -3.51 -34.73
CA GLY A 205 -14.99 -4.74 -35.24
C GLY A 205 -16.49 -4.56 -35.49
N LEU B 1 -8.29 19.07 35.16
CA LEU B 1 -7.63 18.78 33.90
C LEU B 1 -8.66 18.88 32.80
N ASP B 2 -8.28 19.41 31.64
CA ASP B 2 -9.10 19.25 30.45
C ASP B 2 -8.57 18.06 29.58
N ARG B 3 -9.31 17.75 28.52
CA ARG B 3 -9.01 16.63 27.60
C ARG B 3 -7.61 16.79 26.98
N ALA B 4 -7.23 18.00 26.59
CA ALA B 4 -5.88 18.25 26.02
C ALA B 4 -4.77 17.95 27.00
N ASP B 5 -4.98 18.30 28.27
CA ASP B 5 -4.02 18.05 29.37
C ASP B 5 -3.87 16.55 29.58
N ILE B 6 -5.00 15.85 29.60
CA ILE B 6 -4.97 14.43 29.75
C ILE B 6 -4.18 13.79 28.60
N LEU B 7 -4.42 14.24 27.36
CA LEU B 7 -3.76 13.63 26.21
C LEU B 7 -2.27 13.93 26.27
N TYR B 8 -1.91 15.14 26.71
CA TYR B 8 -0.49 15.54 26.92
C TYR B 8 0.14 14.58 27.93
N ASN B 9 -0.48 14.34 29.08
CA ASN B 9 0.09 13.45 30.09
C ASN B 9 0.21 12.03 29.59
N ILE B 10 -0.82 11.56 28.89
CA ILE B 10 -0.76 10.24 28.29
C ILE B 10 0.45 10.10 27.35
N ARG B 11 0.73 11.11 26.53
CA ARG B 11 1.86 11.06 25.57
C ARG B 11 3.19 11.04 26.31
N GLN B 12 3.40 11.95 27.28
CA GLN B 12 4.58 11.92 28.17
C GLN B 12 4.83 10.61 28.86
N THR B 13 3.77 9.92 29.28
CA THR B 13 3.88 8.75 30.12
C THR B 13 3.88 7.44 29.34
N SER B 14 2.94 7.29 28.41
CA SER B 14 2.89 6.11 27.55
C SER B 14 4.00 6.23 26.53
N ARG B 15 4.78 5.17 26.42
CA ARG B 15 5.87 4.98 25.44
C ARG B 15 5.35 3.90 24.52
N PRO B 16 4.95 4.23 23.29
CA PRO B 16 4.31 3.26 22.41
C PRO B 16 5.11 1.99 22.10
N ASP B 17 6.44 2.07 22.19
CA ASP B 17 7.29 0.94 21.91
C ASP B 17 7.87 0.29 23.16
N VAL B 18 7.30 0.59 24.32
CA VAL B 18 7.70 -0.06 25.58
C VAL B 18 6.48 -0.62 26.26
N ILE B 19 6.47 -1.92 26.54
CA ILE B 19 5.38 -2.53 27.29
C ILE B 19 5.32 -1.83 28.64
N PRO B 20 4.13 -1.43 29.11
CA PRO B 20 4.03 -0.76 30.41
C PRO B 20 3.98 -1.76 31.57
N THR B 21 4.99 -2.61 31.71
CA THR B 21 5.10 -3.43 32.89
C THR B 21 5.40 -2.46 34.03
N GLN B 22 4.71 -2.71 35.14
CA GLN B 22 4.86 -1.97 36.38
C GLN B 22 5.47 -2.95 37.39
N ARG B 23 6.74 -2.69 37.73
CA ARG B 23 7.67 -3.63 38.43
C ARG B 23 7.77 -4.94 37.62
N ASP B 24 8.09 -6.06 38.30
CA ASP B 24 8.01 -7.40 37.72
C ASP B 24 6.85 -7.69 36.75
N ARG B 25 5.62 -7.22 37.07
CA ARG B 25 4.35 -7.96 36.80
C ARG B 25 3.81 -7.71 35.38
N PRO B 26 3.20 -8.74 34.76
CA PRO B 26 2.83 -8.67 33.36
C PRO B 26 1.67 -7.68 33.13
N VAL B 27 1.57 -7.12 31.94
CA VAL B 27 0.38 -6.43 31.53
C VAL B 27 -0.68 -7.50 31.22
N ALA B 28 -1.83 -7.41 31.91
CA ALA B 28 -2.95 -8.35 31.74
C ALA B 28 -3.84 -7.85 30.61
N VAL B 29 -3.78 -8.49 29.45
CA VAL B 29 -4.62 -8.17 28.31
C VAL B 29 -5.79 -9.15 28.25
N SER B 30 -7.00 -8.62 28.07
CA SER B 30 -8.17 -9.43 27.85
C SER B 30 -8.62 -9.20 26.41
N VAL B 31 -9.00 -10.28 25.73
CA VAL B 31 -9.41 -10.19 24.34
C VAL B 31 -10.61 -11.07 24.05
N SER B 32 -11.50 -10.56 23.21
CA SER B 32 -12.70 -11.24 22.81
C SER B 32 -13.01 -10.83 21.38
N LEU B 33 -13.28 -11.81 20.53
CA LEU B 33 -13.61 -11.57 19.13
C LEU B 33 -15.10 -11.68 18.93
N LYS B 34 -15.69 -10.64 18.37
CA LYS B 34 -17.14 -10.52 18.22
C LYS B 34 -17.35 -10.48 16.72
N PHE B 35 -18.00 -11.51 16.19
CA PHE B 35 -18.14 -11.72 14.77
C PHE B 35 -19.32 -10.96 14.24
N ILE B 36 -19.08 -10.21 13.18
CA ILE B 36 -20.04 -9.33 12.58
C ILE B 36 -20.54 -9.94 11.29
N ASN B 37 -19.64 -10.48 10.49
CA ASN B 37 -20.03 -11.03 9.20
C ASN B 37 -19.00 -11.99 8.66
N ILE B 38 -19.50 -12.94 7.87
CA ILE B 38 -18.67 -13.90 7.15
C ILE B 38 -19.01 -13.64 5.69
N LEU B 39 -18.01 -13.22 4.92
CA LEU B 39 -18.26 -12.45 3.71
C LEU B 39 -18.12 -13.26 2.48
N GLU B 40 -16.92 -13.80 2.33
CA GLU B 40 -16.61 -14.45 1.08
C GLU B 40 -16.08 -15.80 1.53
N VAL B 41 -16.45 -16.81 0.76
CA VAL B 41 -16.08 -18.18 0.97
C VAL B 41 -15.52 -18.62 -0.38
N ASN B 42 -14.49 -19.46 -0.33
CA ASN B 42 -13.87 -20.00 -1.52
C ASN B 42 -13.71 -21.53 -1.40
N GLU B 43 -14.57 -22.23 -2.18
CA GLU B 43 -14.59 -23.69 -2.28
C GLU B 43 -13.26 -24.25 -2.76
N ILE B 44 -12.70 -23.59 -3.79
CA ILE B 44 -11.40 -23.96 -4.39
C ILE B 44 -10.27 -23.83 -3.35
N THR B 45 -10.03 -22.61 -2.83
CA THR B 45 -8.88 -22.35 -1.97
C THR B 45 -9.07 -22.66 -0.47
N ASN B 46 -10.31 -22.95 -0.05
CA ASN B 46 -10.62 -23.11 1.38
C ASN B 46 -10.29 -21.89 2.27
N GLU B 47 -10.58 -20.72 1.73
CA GLU B 47 -10.43 -19.49 2.44
C GLU B 47 -11.83 -18.92 2.80
N VAL B 48 -11.90 -18.33 3.99
CA VAL B 48 -13.07 -17.58 4.41
C VAL B 48 -12.59 -16.20 4.86
N ASP B 49 -13.38 -15.20 4.50
CA ASP B 49 -13.14 -13.80 4.79
C ASP B 49 -14.13 -13.40 5.91
N VAL B 50 -13.60 -12.92 7.02
CA VAL B 50 -14.39 -12.69 8.22
C VAL B 50 -14.21 -11.23 8.71
N VAL B 51 -15.33 -10.60 9.10
CA VAL B 51 -15.30 -9.32 9.79
C VAL B 51 -15.65 -9.52 11.27
N PHE B 52 -14.76 -9.02 12.15
CA PHE B 52 -14.94 -9.15 13.59
C PHE B 52 -14.43 -7.92 14.35
N TRP B 53 -15.09 -7.63 15.48
CA TRP B 53 -14.66 -6.59 16.39
C TRP B 53 -13.78 -7.26 17.42
N GLN B 54 -12.54 -6.78 17.56
CA GLN B 54 -11.57 -7.38 18.46
C GLN B 54 -11.53 -6.55 19.74
N GLN B 55 -12.36 -6.92 20.70
CA GLN B 55 -12.42 -6.23 21.96
C GLN B 55 -11.18 -6.53 22.76
N THR B 56 -10.35 -5.51 22.97
CA THR B 56 -9.09 -5.65 23.66
C THR B 56 -9.05 -4.68 24.83
N THR B 57 -8.66 -5.15 26.01
CA THR B 57 -8.44 -4.22 27.12
C THR B 57 -7.25 -4.61 27.96
N TRP B 58 -6.70 -3.62 28.65
CA TRP B 58 -5.57 -3.77 29.54
C TRP B 58 -5.48 -2.54 30.43
N SER B 59 -4.60 -2.57 31.42
CA SER B 59 -4.40 -1.46 32.34
C SER B 59 -3.01 -0.92 32.20
N ASP B 60 -2.87 0.40 32.28
CA ASP B 60 -1.59 1.04 32.55
C ASP B 60 -1.86 2.09 33.60
N ARG B 61 -1.66 1.73 34.86
CA ARG B 61 -2.09 2.56 36.03
C ARG B 61 -1.32 3.89 36.03
N THR B 62 -0.17 3.98 35.37
CA THR B 62 0.59 5.23 35.35
C THR B 62 -0.11 6.33 34.55
N LEU B 63 -1.02 5.93 33.65
CA LEU B 63 -1.88 6.86 32.91
C LEU B 63 -3.01 7.48 33.72
N ALA B 64 -3.30 6.93 34.90
CA ALA B 64 -4.46 7.33 35.69
C ALA B 64 -4.41 8.79 36.10
N TRP B 65 -5.59 9.40 36.24
CA TRP B 65 -5.73 10.75 36.77
C TRP B 65 -6.99 10.84 37.64
N ASN B 66 -7.05 11.86 38.48
CA ASN B 66 -8.22 12.18 39.24
C ASN B 66 -9.33 12.81 38.39
N SER B 67 -10.50 12.17 38.36
CA SER B 67 -11.56 12.52 37.44
C SER B 67 -12.76 13.29 38.02
N SER B 68 -12.69 13.65 39.30
CA SER B 68 -13.86 14.20 39.96
C SER B 68 -14.37 15.52 39.38
N HIS B 69 -13.46 16.36 38.91
CA HIS B 69 -13.80 17.59 38.17
C HIS B 69 -13.11 17.71 36.82
N SER B 70 -12.92 16.57 36.18
CA SER B 70 -12.20 16.35 34.93
C SER B 70 -12.95 15.30 34.14
N PRO B 71 -12.73 15.19 32.79
CA PRO B 71 -13.27 14.09 32.01
C PRO B 71 -12.88 12.71 32.54
N ASP B 72 -13.81 11.74 32.50
CA ASP B 72 -13.58 10.42 33.06
C ASP B 72 -12.90 9.49 32.07
N GLN B 73 -12.99 9.79 30.77
CA GLN B 73 -12.22 9.11 29.75
C GLN B 73 -11.86 10.08 28.64
N VAL B 74 -10.93 9.63 27.80
CA VAL B 74 -10.63 10.25 26.53
C VAL B 74 -10.39 9.19 25.45
N SER B 75 -10.44 9.64 24.20
CA SER B 75 -10.15 8.86 23.04
C SER B 75 -8.82 9.37 22.59
N VAL B 76 -7.93 8.47 22.18
CA VAL B 76 -6.53 8.76 21.98
C VAL B 76 -6.12 8.01 20.73
N PRO B 77 -5.38 8.63 19.78
CA PRO B 77 -4.88 7.88 18.64
C PRO B 77 -3.93 6.76 19.13
N ILE B 78 -4.01 5.57 18.56
CA ILE B 78 -3.16 4.46 19.06
C ILE B 78 -1.67 4.66 18.89
N SER B 79 -1.26 5.53 17.97
CA SER B 79 0.15 5.81 17.80
C SER B 79 0.74 6.56 19.02
N SER B 80 -0.12 7.09 19.89
CA SER B 80 0.28 7.75 21.13
C SER B 80 0.40 6.82 22.35
N LEU B 81 0.03 5.56 22.19
CA LEU B 81 -0.02 4.59 23.24
C LEU B 81 0.70 3.31 22.90
N TRP B 82 1.16 2.58 23.91
CA TRP B 82 1.47 1.19 23.73
C TRP B 82 0.13 0.43 23.61
N VAL B 83 0.05 -0.42 22.58
CA VAL B 83 -0.99 -1.40 22.37
C VAL B 83 -0.32 -2.78 22.26
N PRO B 84 -0.96 -3.86 22.76
CA PRO B 84 -0.37 -5.18 22.64
C PRO B 84 -0.12 -5.60 21.18
N ASP B 85 0.92 -6.42 20.97
CA ASP B 85 1.31 -6.93 19.68
C ASP B 85 0.55 -8.22 19.38
N LEU B 86 -0.78 -8.16 19.49
CA LEU B 86 -1.61 -9.32 19.21
C LEU B 86 -1.61 -9.66 17.73
N ALA B 87 -1.71 -10.96 17.44
CA ALA B 87 -1.75 -11.45 16.08
C ALA B 87 -2.56 -12.73 16.05
N ALA B 88 -3.28 -12.94 14.95
CA ALA B 88 -3.92 -14.20 14.69
C ALA B 88 -2.86 -15.08 14.01
N TYR B 89 -2.35 -16.06 14.75
CA TYR B 89 -1.21 -16.91 14.34
C TYR B 89 -1.47 -17.55 12.98
N ASN B 90 -2.74 -17.88 12.67
CA ASN B 90 -3.08 -18.70 11.54
C ASN B 90 -3.88 -17.94 10.45
N ALA B 91 -3.79 -16.60 10.47
CA ALA B 91 -4.39 -15.80 9.44
C ALA B 91 -3.60 -16.00 8.15
N ILE B 92 -4.29 -15.86 7.03
CA ILE B 92 -3.64 -15.97 5.74
C ILE B 92 -3.82 -14.68 4.93
N SER B 93 -4.24 -13.60 5.59
CA SER B 93 -4.12 -12.26 5.02
C SER B 93 -3.78 -11.30 6.14
N LYS B 94 -3.26 -10.11 5.78
CA LYS B 94 -2.98 -9.09 6.76
C LYS B 94 -4.29 -8.53 7.29
N PRO B 95 -4.41 -8.16 8.57
CA PRO B 95 -5.66 -7.62 9.09
C PRO B 95 -5.93 -6.21 8.55
N GLU B 96 -7.06 -5.99 7.87
CA GLU B 96 -7.49 -4.68 7.38
C GLU B 96 -8.35 -4.10 8.53
N VAL B 97 -7.86 -3.02 9.13
CA VAL B 97 -8.62 -2.26 10.11
C VAL B 97 -9.59 -1.31 9.47
N LEU B 98 -10.88 -1.46 9.79
CA LEU B 98 -11.96 -0.75 9.09
C LEU B 98 -12.41 0.52 9.79
N THR B 99 -12.00 0.71 11.04
CA THR B 99 -12.52 1.76 11.89
C THR B 99 -11.42 2.76 12.24
N PRO B 100 -11.78 3.93 12.81
CA PRO B 100 -10.77 4.89 13.28
C PRO B 100 -9.86 4.31 14.35
N GLN B 101 -8.57 4.56 14.22
CA GLN B 101 -7.55 3.94 15.01
C GLN B 101 -7.34 4.67 16.33
N LEU B 102 -8.32 4.56 17.22
CA LEU B 102 -8.36 5.28 18.46
C LEU B 102 -8.59 4.25 19.54
N ALA B 103 -7.98 4.47 20.70
CA ALA B 103 -8.30 3.75 21.89
C ALA B 103 -8.96 4.70 22.89
N ARG B 104 -9.63 4.12 23.86
CA ARG B 104 -10.31 4.82 24.99
C ARG B 104 -9.38 4.65 26.20
N VAL B 105 -8.94 5.74 26.85
CA VAL B 105 -8.27 5.63 28.15
C VAL B 105 -9.19 6.17 29.24
N VAL B 106 -9.46 5.33 30.24
CA VAL B 106 -10.28 5.65 31.38
C VAL B 106 -9.40 6.21 32.50
N SER B 107 -9.97 7.10 33.32
CA SER B 107 -9.21 7.83 34.34
C SER B 107 -8.52 6.96 35.37
N ASP B 108 -8.94 5.70 35.46
CA ASP B 108 -8.28 4.72 36.34
C ASP B 108 -7.13 3.99 35.68
N GLY B 109 -6.86 4.27 34.40
CA GLY B 109 -5.74 3.67 33.68
C GLY B 109 -6.11 2.50 32.79
N GLU B 110 -7.40 2.13 32.77
CA GLU B 110 -7.88 1.11 31.86
C GLU B 110 -7.83 1.62 30.41
N VAL B 111 -7.40 0.74 29.49
CA VAL B 111 -7.33 1.05 28.07
C VAL B 111 -8.21 0.09 27.27
N LEU B 112 -9.05 0.63 26.39
CA LEU B 112 -10.01 -0.12 25.62
C LEU B 112 -9.74 0.20 24.15
N TYR B 113 -9.38 -0.82 23.38
CA TYR B 113 -9.16 -0.74 21.90
C TYR B 113 -10.02 -1.83 21.24
N MET B 114 -10.93 -1.45 20.36
CA MET B 114 -11.88 -2.36 19.73
C MET B 114 -11.99 -2.06 18.24
N PRO B 115 -10.92 -2.36 17.46
CA PRO B 115 -10.98 -2.20 16.02
C PRO B 115 -11.94 -3.21 15.38
N SER B 116 -12.59 -2.81 14.30
CA SER B 116 -13.26 -3.72 13.41
C SER B 116 -12.23 -4.17 12.38
N ILE B 117 -12.07 -5.48 12.27
CA ILE B 117 -11.03 -6.07 11.46
C ILE B 117 -11.64 -7.00 10.41
N ARG B 118 -11.15 -6.87 9.19
CA ARG B 118 -11.46 -7.84 8.13
C ARG B 118 -10.20 -8.64 7.78
N GLN B 119 -10.33 -9.97 7.80
CA GLN B 119 -9.20 -10.84 7.71
C GLN B 119 -9.61 -12.21 7.18
N ARG B 120 -8.71 -12.85 6.42
CA ARG B 120 -8.95 -14.18 5.80
C ARG B 120 -8.37 -15.27 6.72
N PHE B 121 -9.11 -16.36 6.90
CA PHE B 121 -8.64 -17.56 7.59
C PHE B 121 -8.84 -18.82 6.74
N SER B 122 -8.17 -19.91 7.09
CA SER B 122 -8.27 -21.18 6.43
C SER B 122 -9.49 -21.87 7.04
N CYS B 123 -10.36 -22.39 6.17
CA CYS B 123 -11.59 -23.03 6.58
C CYS B 123 -11.98 -24.20 5.69
N ASP B 124 -12.60 -25.21 6.28
CA ASP B 124 -13.23 -26.32 5.56
C ASP B 124 -14.53 -25.77 4.94
N VAL B 125 -14.56 -25.41 3.65
CA VAL B 125 -15.72 -24.66 3.15
C VAL B 125 -16.70 -25.47 2.32
N SER B 126 -16.40 -26.76 2.08
CA SER B 126 -17.44 -27.69 1.62
C SER B 126 -18.61 -27.83 2.62
N GLY B 127 -18.27 -27.84 3.92
CA GLY B 127 -19.19 -28.09 5.01
C GLY B 127 -20.12 -26.93 5.36
N VAL B 128 -19.77 -25.73 4.92
CA VAL B 128 -20.63 -24.56 5.01
C VAL B 128 -22.05 -24.79 4.44
N ASP B 129 -22.15 -25.64 3.42
CA ASP B 129 -23.40 -26.06 2.79
C ASP B 129 -24.08 -27.27 3.44
N THR B 130 -23.56 -27.74 4.58
CA THR B 130 -24.11 -28.89 5.28
C THR B 130 -24.81 -28.46 6.57
N GLU B 131 -25.60 -29.36 7.14
CA GLU B 131 -26.37 -29.11 8.37
C GLU B 131 -25.41 -28.84 9.53
N SER B 132 -24.32 -29.62 9.59
CA SER B 132 -23.35 -29.52 10.66
C SER B 132 -22.51 -28.23 10.55
N GLY B 133 -22.24 -27.83 9.30
CA GLY B 133 -21.59 -26.58 9.01
C GLY B 133 -20.08 -26.69 8.92
N ALA B 134 -19.43 -25.51 8.78
CA ALA B 134 -17.99 -25.38 8.84
C ALA B 134 -17.58 -24.76 10.17
N THR B 135 -16.32 -24.94 10.55
CA THR B 135 -15.72 -24.29 11.70
C THR B 135 -14.47 -23.54 11.28
N CYS B 136 -14.43 -22.24 11.58
CA CYS B 136 -13.27 -21.38 11.43
C CYS B 136 -12.64 -21.14 12.81
N ARG B 137 -11.36 -21.48 12.99
CA ARG B 137 -10.63 -21.36 14.30
C ARG B 137 -9.70 -20.15 14.21
N ILE B 138 -9.71 -19.24 15.18
CA ILE B 138 -8.80 -18.12 15.16
C ILE B 138 -8.01 -18.19 16.46
N LYS B 139 -6.68 -18.26 16.36
CA LYS B 139 -5.80 -18.36 17.50
C LYS B 139 -5.12 -16.99 17.61
N ILE B 140 -5.35 -16.32 18.75
CA ILE B 140 -4.78 -14.99 19.01
C ILE B 140 -3.89 -14.97 20.24
N GLY B 141 -2.72 -14.37 20.07
CA GLY B 141 -1.76 -14.18 21.15
C GLY B 141 -0.81 -13.06 20.83
N SER B 142 0.09 -12.81 21.79
CA SER B 142 1.17 -11.86 21.58
C SER B 142 2.13 -12.53 20.62
N TRP B 143 2.58 -11.77 19.63
CA TRP B 143 3.51 -12.30 18.65
C TRP B 143 4.89 -12.46 19.24
N THR B 144 5.33 -11.57 20.14
CA THR B 144 6.71 -11.61 20.64
C THR B 144 6.92 -11.74 22.13
N HIS B 145 5.87 -11.56 22.93
CA HIS B 145 5.99 -11.54 24.39
C HIS B 145 5.43 -12.81 25.02
N HIS B 146 6.11 -13.33 26.03
CA HIS B 146 5.64 -14.43 26.86
C HIS B 146 4.87 -13.92 28.10
N SER B 147 4.39 -14.88 28.89
CA SER B 147 3.42 -14.65 29.95
C SER B 147 3.86 -13.77 31.13
N ARG B 148 5.17 -13.65 31.34
CA ARG B 148 5.72 -12.76 32.40
C ARG B 148 5.73 -11.30 31.92
N GLU B 149 5.49 -11.04 30.63
CA GLU B 149 5.42 -9.68 30.08
C GLU B 149 4.01 -9.25 29.75
N ILE B 150 3.30 -10.12 29.03
CA ILE B 150 1.90 -9.95 28.70
C ILE B 150 1.17 -11.25 28.99
N SER B 151 0.08 -11.16 29.74
CA SER B 151 -0.81 -12.32 29.86
C SER B 151 -2.04 -12.04 29.02
N VAL B 152 -2.59 -13.08 28.39
CA VAL B 152 -3.70 -12.96 27.46
C VAL B 152 -4.77 -13.86 27.93
N ASP B 153 -5.94 -13.29 28.24
CA ASP B 153 -7.06 -14.06 28.73
C ASP B 153 -8.31 -13.71 27.94
N PRO B 154 -9.23 -14.67 27.76
CA PRO B 154 -10.53 -14.36 27.15
C PRO B 154 -11.32 -13.47 28.13
N THR B 155 -12.01 -12.44 27.64
CA THR B 155 -12.84 -11.61 28.51
C THR B 155 -13.97 -12.52 28.98
N THR B 156 -14.43 -12.25 30.20
CA THR B 156 -15.67 -12.77 30.73
C THR B 156 -16.86 -12.00 30.14
N GLU B 157 -17.87 -12.72 29.65
CA GLU B 157 -18.93 -12.19 28.77
C GLU B 157 -20.29 -12.34 29.40
N ASN B 158 -21.31 -11.69 28.82
CA ASN B 158 -22.76 -12.11 28.97
C ASN B 158 -23.54 -11.85 27.64
N SER B 159 -23.70 -12.87 26.81
CA SER B 159 -23.94 -12.59 25.38
C SER B 159 -24.61 -13.73 24.65
N ASP B 160 -24.05 -14.17 23.51
CA ASP B 160 -24.84 -14.76 22.46
C ASP B 160 -24.03 -15.45 21.32
N ASP B 161 -24.73 -16.25 20.50
CA ASP B 161 -24.34 -16.51 19.10
C ASP B 161 -24.13 -15.12 18.48
N SER B 162 -25.18 -14.26 18.54
CA SER B 162 -25.07 -12.78 18.51
C SER B 162 -26.31 -11.76 18.82
N GLU B 163 -25.97 -10.56 19.26
CA GLU B 163 -26.57 -9.31 18.81
C GLU B 163 -25.58 -8.61 17.85
N TYR B 164 -24.36 -9.13 17.69
CA TYR B 164 -23.30 -8.53 16.85
C TYR B 164 -23.40 -8.97 15.39
N PHE B 165 -23.80 -10.21 15.15
CA PHE B 165 -23.74 -10.83 13.83
C PHE B 165 -24.84 -10.31 12.92
N SER B 166 -24.47 -9.84 11.73
CA SER B 166 -25.38 -9.27 10.76
C SER B 166 -26.48 -10.24 10.49
N GLN B 167 -27.72 -9.77 10.62
CA GLN B 167 -28.90 -10.58 10.35
C GLN B 167 -29.13 -10.75 8.83
N TYR B 168 -28.44 -9.94 8.02
CA TYR B 168 -28.51 -9.96 6.55
C TYR B 168 -27.45 -10.91 5.94
N SER B 169 -26.55 -11.46 6.75
CA SER B 169 -25.56 -12.41 6.26
C SER B 169 -26.23 -13.65 5.68
N ARG B 170 -25.57 -14.24 4.68
CA ARG B 170 -25.92 -15.54 4.03
C ARG B 170 -25.73 -16.70 5.02
N PHE B 171 -24.91 -16.51 6.08
CA PHE B 171 -24.63 -17.56 7.02
C PHE B 171 -25.29 -17.28 8.34
N GLU B 172 -25.43 -18.34 9.14
CA GLU B 172 -25.86 -18.26 10.51
C GLU B 172 -24.82 -18.95 11.40
N ILE B 173 -24.68 -18.45 12.63
CA ILE B 173 -23.78 -18.97 13.63
C ILE B 173 -24.45 -20.07 14.46
N LEU B 174 -23.87 -21.28 14.40
CA LEU B 174 -24.34 -22.42 15.16
C LEU B 174 -23.76 -22.35 16.58
N ASP B 175 -22.47 -22.02 16.69
CA ASP B 175 -21.75 -22.02 17.95
C ASP B 175 -20.45 -21.22 17.86
N VAL B 176 -20.13 -20.50 18.94
CA VAL B 176 -18.80 -19.92 19.15
C VAL B 176 -18.26 -20.49 20.44
N THR B 177 -17.02 -20.98 20.42
CA THR B 177 -16.34 -21.38 21.66
C THR B 177 -14.97 -20.69 21.79
N GLN B 178 -14.58 -20.43 23.05
CA GLN B 178 -13.37 -19.69 23.37
C GLN B 178 -12.63 -20.50 24.40
N LYS B 179 -11.42 -20.96 24.05
CA LYS B 179 -10.54 -21.53 25.04
C LYS B 179 -9.21 -20.79 25.08
N LYS B 180 -8.49 -20.95 26.18
CA LYS B 180 -7.15 -20.48 26.38
C LYS B 180 -6.18 -21.65 26.20
N ASN B 181 -5.00 -21.35 25.66
CA ASN B 181 -3.82 -22.22 25.73
C ASN B 181 -2.62 -21.54 26.32
N SER B 182 -1.82 -22.35 27.01
CA SER B 182 -0.60 -21.97 27.70
C SER B 182 0.43 -22.95 27.27
N VAL B 183 1.41 -22.50 26.48
CA VAL B 183 2.45 -23.34 25.91
C VAL B 183 3.73 -23.11 26.71
N THR B 184 4.35 -24.19 27.20
CA THR B 184 5.57 -24.12 28.00
C THR B 184 6.60 -25.08 27.44
N TYR B 185 7.88 -24.68 27.50
CA TYR B 185 9.05 -25.41 26.96
C TYR B 185 10.03 -25.67 28.11
N SER B 186 10.78 -26.78 28.04
CA SER B 186 11.61 -27.22 29.19
C SER B 186 12.81 -26.32 29.46
N CYS B 187 13.18 -25.50 28.46
CA CYS B 187 14.25 -24.50 28.59
C CYS B 187 13.94 -23.44 29.67
N CYS B 188 12.70 -22.94 29.65
CA CYS B 188 12.37 -21.62 30.13
C CYS B 188 11.17 -21.68 31.08
N PRO B 189 11.14 -20.88 32.16
CA PRO B 189 10.04 -20.91 33.12
C PRO B 189 8.76 -20.21 32.65
N GLU B 190 8.85 -19.40 31.58
CA GLU B 190 7.72 -18.62 31.13
C GLU B 190 6.86 -19.40 30.12
N ALA B 191 5.61 -18.95 30.01
CA ALA B 191 4.61 -19.54 29.13
C ALA B 191 4.25 -18.59 27.98
N TYR B 192 3.76 -19.18 26.87
CA TYR B 192 3.28 -18.43 25.68
C TYR B 192 1.79 -18.69 25.54
N GLU B 193 0.98 -17.64 25.67
CA GLU B 193 -0.46 -17.77 25.84
C GLU B 193 -1.16 -17.35 24.56
N ASP B 194 -2.25 -18.04 24.23
CA ASP B 194 -3.18 -17.59 23.18
C ASP B 194 -4.62 -17.88 23.58
N VAL B 195 -5.55 -17.25 22.87
CA VAL B 195 -6.95 -17.55 22.99
C VAL B 195 -7.40 -18.13 21.66
N GLU B 196 -8.04 -19.30 21.70
CA GLU B 196 -8.53 -19.98 20.50
C GLU B 196 -10.04 -19.76 20.42
N VAL B 197 -10.48 -19.06 19.38
CA VAL B 197 -11.91 -18.84 19.14
C VAL B 197 -12.36 -19.71 17.98
N SER B 198 -13.34 -20.58 18.24
CA SER B 198 -13.96 -21.44 17.22
C SER B 198 -15.37 -20.97 16.77
N LEU B 199 -15.51 -20.70 15.47
CA LEU B 199 -16.74 -20.23 14.86
C LEU B 199 -17.32 -21.32 14.01
N ASN B 200 -18.41 -21.92 14.51
CA ASN B 200 -19.14 -22.94 13.77
C ASN B 200 -20.33 -22.26 13.09
N PHE B 201 -20.32 -22.20 11.76
CA PHE B 201 -21.34 -21.50 10.96
C PHE B 201 -21.72 -22.29 9.72
N ARG B 202 -22.89 -21.99 9.14
CA ARG B 202 -23.33 -22.61 7.84
C ARG B 202 -24.26 -21.67 7.07
N LYS B 203 -24.51 -21.98 5.79
CA LYS B 203 -25.47 -21.28 4.99
C LYS B 203 -26.87 -21.48 5.51
N LYS B 204 -27.68 -20.41 5.46
CA LYS B 204 -29.10 -20.47 5.74
C LYS B 204 -29.82 -21.10 4.56
N GLY B 205 -30.88 -21.85 4.82
CA GLY B 205 -31.70 -22.46 3.78
C GLY B 205 -33.04 -21.76 3.55
N LEU C 1 37.68 4.72 6.85
CA LEU C 1 36.23 4.91 7.10
C LEU C 1 35.66 3.52 7.30
N ASP C 2 34.72 3.37 8.25
CA ASP C 2 33.93 2.15 8.31
C ASP C 2 32.56 2.36 7.62
N ARG C 3 31.79 1.28 7.53
CA ARG C 3 30.48 1.26 6.84
C ARG C 3 29.54 2.30 7.48
N ALA C 4 29.53 2.40 8.81
CA ALA C 4 28.64 3.35 9.51
C ALA C 4 28.95 4.78 9.14
N ASP C 5 30.25 5.10 9.03
CA ASP C 5 30.75 6.43 8.65
C ASP C 5 30.30 6.77 7.24
N ILE C 6 30.50 5.81 6.33
CA ILE C 6 30.12 6.01 4.97
C ILE C 6 28.61 6.28 4.90
N LEU C 7 27.79 5.51 5.62
CA LEU C 7 26.35 5.66 5.51
C LEU C 7 25.93 7.02 6.09
N TYR C 8 26.58 7.43 7.18
CA TYR C 8 26.37 8.76 7.79
C TYR C 8 26.67 9.85 6.75
N ASN C 9 27.83 9.78 6.09
CA ASN C 9 28.20 10.81 5.12
C ASN C 9 27.26 10.81 3.93
N ILE C 10 26.86 9.62 3.46
CA ILE C 10 25.91 9.54 2.38
C ILE C 10 24.61 10.25 2.74
N ARG C 11 24.11 10.09 3.97
CA ARG C 11 22.82 10.71 4.39
C ARG C 11 22.97 12.24 4.42
N GLN C 12 24.03 12.78 5.05
CA GLN C 12 24.45 14.18 4.85
C GLN C 12 24.97 14.16 3.41
N THR C 13 24.79 15.24 2.68
CA THR C 13 25.37 15.38 1.31
C THR C 13 24.42 14.96 0.19
N SER C 14 23.81 13.77 0.31
CA SER C 14 22.85 13.33 -0.71
C SER C 14 21.59 14.14 -0.56
N ARG C 15 21.12 14.70 -1.68
CA ARG C 15 19.83 15.40 -1.81
C ARG C 15 18.92 14.55 -2.66
N PRO C 16 18.02 13.75 -2.06
CA PRO C 16 17.18 12.85 -2.84
C PRO C 16 16.23 13.55 -3.85
N ASP C 17 15.91 14.83 -3.66
CA ASP C 17 15.06 15.53 -4.57
C ASP C 17 15.78 16.46 -5.54
N VAL C 18 17.11 16.34 -5.61
CA VAL C 18 17.89 17.13 -6.56
C VAL C 18 18.68 16.23 -7.48
N ILE C 19 18.49 16.40 -8.79
CA ILE C 19 19.26 15.63 -9.77
C ILE C 19 20.73 15.97 -9.52
N PRO C 20 21.62 14.97 -9.40
CA PRO C 20 23.02 15.22 -9.06
C PRO C 20 23.85 15.58 -10.29
N THR C 21 23.52 16.70 -10.94
CA THR C 21 24.23 17.18 -12.11
C THR C 21 25.79 17.16 -12.32
N GLN C 22 26.64 17.63 -11.38
CA GLN C 22 28.07 17.82 -11.58
C GLN C 22 28.40 18.61 -12.86
N ARG C 23 28.64 19.90 -12.66
CA ARG C 23 29.27 20.85 -13.63
C ARG C 23 28.34 21.05 -14.83
N ASP C 24 27.02 21.13 -14.60
CA ASP C 24 26.00 21.17 -15.66
C ASP C 24 26.31 20.36 -16.96
N ARG C 25 26.72 19.12 -16.76
CA ARG C 25 26.50 17.98 -17.69
C ARG C 25 25.29 17.19 -17.19
N PRO C 26 24.56 16.48 -18.09
CA PRO C 26 23.44 15.65 -17.68
C PRO C 26 23.89 14.43 -16.85
N VAL C 27 23.02 13.93 -15.98
CA VAL C 27 23.25 12.66 -15.34
C VAL C 27 22.99 11.57 -16.37
N ALA C 28 24.01 10.74 -16.61
CA ALA C 28 23.94 9.61 -17.55
C ALA C 28 23.31 8.42 -16.86
N VAL C 29 22.07 8.10 -17.17
CA VAL C 29 21.39 6.93 -16.64
C VAL C 29 21.42 5.83 -17.69
N SER C 30 21.79 4.62 -17.29
CA SER C 30 21.71 3.47 -18.16
C SER C 30 20.64 2.55 -17.59
N VAL C 31 19.80 1.98 -18.47
CA VAL C 31 18.72 1.10 -18.05
C VAL C 31 18.55 -0.08 -18.97
N SER C 32 18.19 -1.22 -18.39
CA SER C 32 17.96 -2.46 -19.10
C SER C 32 16.90 -3.25 -18.35
N LEU C 33 15.98 -3.87 -19.08
CA LEU C 33 15.06 -4.83 -18.52
C LEU C 33 15.54 -6.26 -18.73
N LYS C 34 15.57 -7.03 -17.64
CA LYS C 34 15.76 -8.46 -17.69
C LYS C 34 14.46 -9.12 -17.27
N PHE C 35 13.85 -9.85 -18.19
CA PHE C 35 12.60 -10.54 -17.96
C PHE C 35 12.77 -11.84 -17.22
N ILE C 36 11.98 -11.99 -16.16
CA ILE C 36 12.03 -13.11 -15.26
C ILE C 36 10.83 -14.01 -15.53
N ASN C 37 9.64 -13.42 -15.74
CA ASN C 37 8.46 -14.20 -16.05
C ASN C 37 7.39 -13.40 -16.76
N ILE C 38 6.58 -14.10 -17.56
CA ILE C 38 5.42 -13.54 -18.23
C ILE C 38 4.25 -14.35 -17.71
N LEU C 39 3.32 -13.67 -17.03
CA LEU C 39 2.37 -14.31 -16.15
C LEU C 39 1.03 -14.48 -16.79
N GLU C 40 0.48 -13.40 -17.31
CA GLU C 40 -0.80 -13.47 -17.96
C GLU C 40 -0.60 -12.78 -19.27
N VAL C 41 -1.20 -13.33 -20.32
CA VAL C 41 -1.22 -12.73 -21.65
C VAL C 41 -2.68 -12.75 -22.04
N ASN C 42 -3.11 -11.71 -22.76
CA ASN C 42 -4.45 -11.64 -23.27
C ASN C 42 -4.48 -11.16 -24.72
N GLU C 43 -4.75 -12.09 -25.64
CA GLU C 43 -4.87 -11.85 -27.08
C GLU C 43 -6.04 -10.91 -27.35
N ILE C 44 -7.17 -11.11 -26.64
CA ILE C 44 -8.36 -10.25 -26.75
C ILE C 44 -8.06 -8.80 -26.32
N THR C 45 -7.64 -8.59 -25.07
CA THR C 45 -7.43 -7.22 -24.53
C THR C 45 -6.08 -6.57 -24.84
N ASN C 46 -5.14 -7.35 -25.37
CA ASN C 46 -3.75 -6.88 -25.57
C ASN C 46 -3.04 -6.40 -24.30
N GLU C 47 -3.31 -7.09 -23.19
CA GLU C 47 -2.66 -6.82 -21.93
C GLU C 47 -1.70 -7.96 -21.60
N VAL C 48 -0.52 -7.60 -21.10
CA VAL C 48 0.46 -8.56 -20.64
C VAL C 48 0.92 -8.20 -19.25
N ASP C 49 1.11 -9.21 -18.41
CA ASP C 49 1.55 -9.06 -17.04
C ASP C 49 2.96 -9.65 -16.97
N VAL C 50 3.94 -8.82 -16.59
CA VAL C 50 5.32 -9.22 -16.68
C VAL C 50 6.06 -8.96 -15.36
N VAL C 51 6.96 -9.88 -15.02
CA VAL C 51 7.96 -9.64 -13.96
C VAL C 51 9.32 -9.46 -14.58
N PHE C 52 10.01 -8.37 -14.21
CA PHE C 52 11.32 -8.04 -14.76
C PHE C 52 12.22 -7.36 -13.74
N TRP C 53 13.52 -7.56 -13.89
CA TRP C 53 14.53 -6.80 -13.15
C TRP C 53 14.87 -5.57 -13.97
N GLN C 54 14.77 -4.40 -13.34
CA GLN C 54 15.12 -3.15 -13.96
C GLN C 54 16.52 -2.74 -13.57
N GLN C 55 17.51 -3.15 -14.37
CA GLN C 55 18.89 -2.81 -14.13
C GLN C 55 19.12 -1.36 -14.43
N THR C 56 19.37 -0.56 -13.39
CA THR C 56 19.51 0.88 -13.53
C THR C 56 20.82 1.33 -12.93
N THR C 57 21.58 2.15 -13.65
CA THR C 57 22.79 2.72 -13.07
C THR C 57 23.01 4.17 -13.47
N TRP C 58 23.72 4.91 -12.60
CA TRP C 58 24.08 6.30 -12.82
C TRP C 58 25.16 6.68 -11.83
N SER C 59 25.72 7.88 -11.96
CA SER C 59 26.76 8.35 -11.05
C SER C 59 26.29 9.57 -10.29
N ASP C 60 26.67 9.66 -9.02
CA ASP C 60 26.53 10.84 -8.22
C ASP C 60 27.87 11.05 -7.51
N ARG C 61 28.71 11.89 -8.10
CA ARG C 61 30.12 12.11 -7.72
C ARG C 61 30.21 12.60 -6.27
N THR C 62 29.16 13.27 -5.77
CA THR C 62 29.21 13.84 -4.44
C THR C 62 29.17 12.76 -3.35
N LEU C 63 28.70 11.56 -3.69
CA LEU C 63 28.72 10.42 -2.77
C LEU C 63 30.07 9.75 -2.61
N ALA C 64 31.02 10.05 -3.52
CA ALA C 64 32.28 9.29 -3.60
C ALA C 64 33.10 9.43 -2.32
N TRP C 65 33.88 8.38 -2.01
CA TRP C 65 34.85 8.39 -0.92
C TRP C 65 36.11 7.64 -1.31
N ASN C 66 37.20 7.88 -0.59
CA ASN C 66 38.44 7.14 -0.76
C ASN C 66 38.33 5.73 -0.17
N SER C 67 38.58 4.72 -1.01
CA SER C 67 38.32 3.32 -0.63
C SER C 67 39.53 2.46 -0.27
N SER C 68 40.72 3.04 -0.26
CA SER C 68 41.86 2.31 0.31
C SER C 68 41.58 2.30 1.81
N HIS C 69 41.88 1.16 2.45
CA HIS C 69 41.60 0.94 3.86
C HIS C 69 40.14 1.15 4.28
N SER C 70 39.20 1.18 3.32
CA SER C 70 37.77 1.33 3.56
C SER C 70 37.01 0.38 2.64
N PRO C 71 35.74 0.03 2.95
CA PRO C 71 34.90 -0.71 2.02
C PRO C 71 34.72 0.00 0.68
N ASP C 72 34.69 -0.77 -0.42
CA ASP C 72 34.64 -0.24 -1.77
C ASP C 72 33.20 0.00 -2.22
N GLN C 73 32.24 -0.65 -1.54
CA GLN C 73 30.82 -0.39 -1.75
C GLN C 73 30.03 -0.50 -0.47
N VAL C 74 28.82 0.06 -0.48
CA VAL C 74 27.82 -0.13 0.55
C VAL C 74 26.43 -0.24 -0.07
N SER C 75 25.47 -0.70 0.73
CA SER C 75 24.07 -0.79 0.37
C SER C 75 23.42 0.35 1.07
N VAL C 76 22.53 1.05 0.39
CA VAL C 76 21.93 2.29 0.89
C VAL C 76 20.45 2.28 0.52
N PRO C 77 19.55 2.64 1.44
CA PRO C 77 18.13 2.74 1.10
C PRO C 77 17.94 3.80 0.01
N ILE C 78 17.09 3.55 -0.98
CA ILE C 78 16.87 4.57 -2.01
C ILE C 78 16.19 5.83 -1.51
N SER C 79 15.54 5.80 -0.34
CA SER C 79 14.98 7.05 0.20
C SER C 79 16.09 8.04 0.64
N SER C 80 17.32 7.55 0.74
CA SER C 80 18.49 8.40 1.02
C SER C 80 19.18 9.00 -0.20
N LEU C 81 18.71 8.65 -1.40
CA LEU C 81 19.39 8.92 -2.66
C LEU C 81 18.41 9.51 -3.66
N TRP C 82 18.93 10.30 -4.59
CA TRP C 82 18.24 10.63 -5.79
C TRP C 82 18.23 9.38 -6.65
N VAL C 83 17.05 9.04 -7.17
CA VAL C 83 16.88 8.00 -8.22
C VAL C 83 16.18 8.64 -9.43
N PRO C 84 16.52 8.23 -10.66
CA PRO C 84 15.85 8.78 -11.83
C PRO C 84 14.33 8.52 -11.86
N ASP C 85 13.58 9.44 -12.46
CA ASP C 85 12.13 9.43 -12.52
C ASP C 85 11.68 8.70 -13.78
N LEU C 86 12.20 7.48 -13.97
CA LEU C 86 11.85 6.72 -15.18
C LEU C 86 10.42 6.21 -15.09
N ALA C 87 9.81 6.05 -16.25
CA ALA C 87 8.44 5.53 -16.35
C ALA C 87 8.26 4.83 -17.69
N ALA C 88 7.40 3.82 -17.69
CA ALA C 88 7.02 3.14 -18.90
C ALA C 88 5.81 3.88 -19.42
N TYR C 89 5.98 4.54 -20.55
CA TYR C 89 4.93 5.38 -21.19
C TYR C 89 3.65 4.55 -21.46
N ASN C 90 3.73 3.23 -21.63
CA ASN C 90 2.59 2.39 -21.97
C ASN C 90 2.19 1.39 -20.87
N ALA C 91 2.62 1.65 -19.64
CA ALA C 91 2.20 0.84 -18.49
C ALA C 91 0.73 1.17 -18.18
N ILE C 92 -0.03 0.17 -17.75
CA ILE C 92 -1.42 0.36 -17.42
C ILE C 92 -1.70 -0.04 -15.97
N SER C 93 -0.64 -0.33 -15.21
CA SER C 93 -0.73 -0.56 -13.78
C SER C 93 0.46 0.12 -13.15
N LYS C 94 0.35 0.39 -11.86
CA LYS C 94 1.47 0.96 -11.09
C LYS C 94 2.52 -0.14 -10.97
N PRO C 95 3.82 0.17 -11.01
CA PRO C 95 4.84 -0.86 -10.82
C PRO C 95 4.86 -1.35 -9.37
N GLU C 96 4.68 -2.66 -9.13
CA GLU C 96 4.77 -3.30 -7.83
C GLU C 96 6.25 -3.71 -7.70
N VAL C 97 6.96 -3.07 -6.80
CA VAL C 97 8.34 -3.42 -6.45
C VAL C 97 8.36 -4.57 -5.47
N LEU C 98 9.00 -5.66 -5.84
CA LEU C 98 8.93 -6.93 -5.10
C LEU C 98 10.07 -7.10 -4.12
N THR C 99 11.14 -6.30 -4.27
CA THR C 99 12.39 -6.53 -3.58
C THR C 99 12.70 -5.40 -2.61
N PRO C 100 13.65 -5.60 -1.68
CA PRO C 100 14.10 -4.54 -0.78
C PRO C 100 14.63 -3.33 -1.56
N GLN C 101 14.21 -2.13 -1.15
CA GLN C 101 14.47 -0.92 -1.89
C GLN C 101 15.82 -0.35 -1.50
N LEU C 102 16.88 -1.06 -1.91
CA LEU C 102 18.23 -0.69 -1.58
C LEU C 102 18.98 -0.60 -2.89
N ALA C 103 19.90 0.35 -2.95
CA ALA C 103 20.81 0.43 -4.03
C ALA C 103 22.20 0.15 -3.50
N ARG C 104 23.09 -0.15 -4.43
CA ARG C 104 24.53 -0.39 -4.19
C ARG C 104 25.27 0.89 -4.58
N VAL C 105 26.03 1.50 -3.66
CA VAL C 105 26.80 2.69 -3.97
C VAL C 105 28.28 2.31 -3.93
N VAL C 106 28.96 2.56 -5.04
CA VAL C 106 30.37 2.29 -5.20
C VAL C 106 31.15 3.53 -4.77
N SER C 107 32.36 3.32 -4.23
CA SER C 107 33.16 4.38 -3.65
C SER C 107 33.49 5.51 -4.64
N ASP C 108 33.36 5.23 -5.95
CA ASP C 108 33.56 6.24 -6.98
C ASP C 108 32.29 7.07 -7.30
N GLY C 109 31.18 6.75 -6.63
CA GLY C 109 29.95 7.49 -6.80
C GLY C 109 28.93 6.83 -7.72
N GLU C 110 29.29 5.68 -8.32
CA GLU C 110 28.36 4.94 -9.12
C GLU C 110 27.24 4.34 -8.25
N VAL C 111 26.01 4.38 -8.75
CA VAL C 111 24.85 3.81 -8.09
C VAL C 111 24.25 2.71 -8.96
N LEU C 112 23.98 1.56 -8.34
CA LEU C 112 23.42 0.39 -9.03
C LEU C 112 22.15 0.03 -8.27
N TYR C 113 21.00 0.18 -8.93
CA TYR C 113 19.65 -0.13 -8.39
C TYR C 113 18.98 -1.10 -9.36
N MET C 114 18.56 -2.26 -8.85
CA MET C 114 18.01 -3.36 -9.64
C MET C 114 16.78 -3.92 -8.94
N PRO C 115 15.68 -3.17 -8.88
CA PRO C 115 14.43 -3.68 -8.33
C PRO C 115 13.82 -4.76 -9.23
N SER C 116 13.18 -5.76 -8.61
CA SER C 116 12.33 -6.65 -9.34
C SER C 116 10.95 -6.05 -9.33
N ILE C 117 10.38 -5.90 -10.52
CA ILE C 117 9.11 -5.21 -10.70
C ILE C 117 8.09 -6.09 -11.38
N ARG C 118 6.86 -6.03 -10.88
CA ARG C 118 5.70 -6.64 -11.56
C ARG C 118 4.80 -5.53 -12.10
N GLN C 119 4.49 -5.58 -13.40
CA GLN C 119 3.74 -4.56 -14.04
C GLN C 119 2.97 -5.07 -15.25
N ARG C 120 1.79 -4.49 -15.50
CA ARG C 120 0.93 -4.78 -16.68
C ARG C 120 1.22 -3.76 -17.78
N PHE C 121 1.22 -4.20 -19.04
CA PHE C 121 1.35 -3.32 -20.19
C PHE C 121 0.28 -3.52 -21.25
N SER C 122 0.02 -2.45 -22.02
CA SER C 122 -0.79 -2.57 -23.22
C SER C 122 0.19 -2.89 -24.32
N CYS C 123 -0.02 -3.99 -25.04
CA CYS C 123 1.00 -4.56 -25.92
C CYS C 123 0.43 -5.40 -27.02
N ASP C 124 1.13 -5.45 -28.16
CA ASP C 124 0.66 -6.24 -29.32
C ASP C 124 0.07 -7.65 -29.05
N VAL C 125 0.90 -8.60 -28.62
CA VAL C 125 0.51 -9.96 -28.30
C VAL C 125 -0.16 -10.96 -29.30
N SER C 126 -0.27 -10.58 -30.56
CA SER C 126 -1.14 -11.28 -31.50
C SER C 126 -0.73 -12.72 -31.85
N GLY C 127 0.56 -12.93 -32.15
CA GLY C 127 1.01 -14.25 -32.66
C GLY C 127 1.67 -15.09 -31.59
N VAL C 128 1.27 -14.89 -30.33
CA VAL C 128 1.75 -15.63 -29.18
C VAL C 128 1.72 -17.16 -29.38
N ASP C 129 0.71 -17.64 -30.13
CA ASP C 129 0.51 -19.04 -30.48
C ASP C 129 1.24 -19.49 -31.74
N THR C 130 2.06 -18.63 -32.34
CA THR C 130 2.72 -18.92 -33.61
C THR C 130 4.23 -19.12 -33.40
N GLU C 131 4.90 -19.66 -34.40
CA GLU C 131 6.35 -19.96 -34.30
C GLU C 131 7.15 -18.65 -34.18
N SER C 132 6.72 -17.62 -34.91
CA SER C 132 7.39 -16.32 -34.91
C SER C 132 7.16 -15.57 -33.57
N GLY C 133 5.97 -15.76 -33.00
CA GLY C 133 5.64 -15.26 -31.67
C GLY C 133 5.02 -13.88 -31.70
N ALA C 134 4.80 -13.33 -30.50
CA ALA C 134 4.36 -11.95 -30.32
C ALA C 134 5.54 -11.11 -29.86
N THR C 135 5.46 -9.81 -30.15
CA THR C 135 6.42 -8.83 -29.63
C THR C 135 5.67 -7.77 -28.84
N CYS C 136 6.06 -7.62 -27.57
CA CYS C 136 5.60 -6.54 -26.71
C CYS C 136 6.71 -5.48 -26.61
N ARG C 137 6.41 -4.22 -26.94
CA ARG C 137 7.34 -3.07 -26.80
C ARG C 137 7.02 -2.29 -25.51
N ILE C 138 8.06 -1.97 -24.73
CA ILE C 138 7.93 -1.14 -23.56
C ILE C 138 8.83 0.06 -23.78
N LYS C 139 8.25 1.26 -23.66
CA LYS C 139 8.97 2.49 -23.85
C LYS C 139 9.25 3.12 -22.49
N ILE C 140 10.52 3.29 -22.16
CA ILE C 140 10.96 3.89 -20.91
C ILE C 140 11.76 5.15 -21.08
N GLY C 141 11.37 6.18 -20.34
CA GLY C 141 12.04 7.47 -20.37
C GLY C 141 11.80 8.23 -19.08
N SER C 142 12.49 9.37 -18.95
CA SER C 142 12.35 10.24 -17.80
C SER C 142 11.01 10.90 -17.97
N TRP C 143 10.23 10.95 -16.89
CA TRP C 143 8.91 11.53 -16.94
C TRP C 143 8.98 13.02 -17.03
N THR C 144 9.96 13.66 -16.38
CA THR C 144 10.00 15.14 -16.32
C THR C 144 11.22 15.83 -16.83
N HIS C 145 12.33 15.09 -17.05
CA HIS C 145 13.60 15.69 -17.46
C HIS C 145 13.91 15.46 -18.94
N HIS C 146 14.47 16.46 -19.61
CA HIS C 146 15.02 16.32 -20.95
C HIS C 146 16.53 16.01 -20.91
N SER C 147 17.10 15.87 -22.11
CA SER C 147 18.45 15.34 -22.32
C SER C 147 19.62 16.13 -21.72
N ARG C 148 19.43 17.42 -21.47
CA ARG C 148 20.47 18.28 -20.83
C ARG C 148 20.47 18.05 -19.32
N GLU C 149 19.48 17.36 -18.76
CA GLU C 149 19.41 17.04 -17.32
C GLU C 149 19.67 15.58 -17.04
N ILE C 150 18.99 14.71 -17.79
CA ILE C 150 19.18 13.26 -17.74
C ILE C 150 19.33 12.71 -19.15
N SER C 151 20.37 11.90 -19.37
CA SER C 151 20.44 11.13 -20.61
C SER C 151 20.13 9.69 -20.25
N VAL C 152 19.44 8.99 -21.16
CA VAL C 152 18.95 7.64 -20.92
C VAL C 152 19.44 6.78 -22.03
N ASP C 153 20.24 5.78 -21.68
CA ASP C 153 20.80 4.88 -22.67
C ASP C 153 20.56 3.43 -22.26
N PRO C 154 20.41 2.51 -23.24
CA PRO C 154 20.37 1.09 -22.93
C PRO C 154 21.76 0.66 -22.45
N THR C 155 21.84 -0.17 -21.41
CA THR C 155 23.11 -0.72 -20.98
C THR C 155 23.62 -1.58 -22.13
N THR C 156 24.94 -1.57 -22.29
CA THR C 156 25.65 -2.08 -23.47
C THR C 156 25.16 -3.34 -24.25
N GLU C 157 24.10 -3.98 -23.73
CA GLU C 157 23.08 -4.75 -24.53
C GLU C 157 23.33 -6.29 -24.83
N ASN C 158 22.50 -7.14 -24.21
CA ASN C 158 22.53 -8.57 -24.37
C ASN C 158 21.56 -9.07 -25.46
N ASP C 160 18.98 -10.96 -24.88
CA ASP C 160 18.45 -12.31 -24.94
C ASP C 160 17.87 -12.83 -23.60
N ASP C 161 17.12 -13.93 -23.69
CA ASP C 161 16.98 -14.91 -22.60
C ASP C 161 18.39 -15.27 -22.12
N SER C 162 18.94 -14.39 -21.26
CA SER C 162 20.31 -14.53 -20.73
C SER C 162 20.28 -15.18 -19.36
N GLU C 163 19.53 -16.29 -19.27
CA GLU C 163 19.50 -17.16 -18.11
C GLU C 163 18.90 -16.42 -16.89
N TYR C 164 17.98 -15.49 -17.17
CA TYR C 164 17.11 -14.82 -16.18
C TYR C 164 15.71 -15.46 -16.17
N PHE C 165 15.24 -15.90 -17.33
CA PHE C 165 13.82 -16.22 -17.52
C PHE C 165 13.48 -17.57 -16.90
N SER C 166 12.42 -17.59 -16.10
CA SER C 166 11.93 -18.82 -15.41
C SER C 166 12.19 -20.31 -15.91
N GLN C 167 11.65 -20.76 -17.04
CA GLN C 167 11.70 -22.19 -17.43
C GLN C 167 10.43 -22.89 -16.99
N TYR C 168 9.80 -22.44 -15.90
CA TYR C 168 8.47 -22.94 -15.45
C TYR C 168 7.34 -22.11 -16.08
N SER C 169 7.66 -20.99 -16.73
CA SER C 169 6.67 -20.19 -17.45
C SER C 169 6.07 -21.00 -18.61
N ARG C 170 4.83 -20.66 -18.95
CA ARG C 170 4.10 -21.16 -20.14
C ARG C 170 4.74 -20.66 -21.44
N PHE C 171 5.52 -19.59 -21.38
CA PHE C 171 6.08 -18.96 -22.56
C PHE C 171 7.57 -19.15 -22.60
N GLU C 172 8.15 -18.90 -23.78
CA GLU C 172 9.59 -18.84 -23.95
C GLU C 172 9.95 -17.53 -24.64
N ILE C 173 11.14 -17.01 -24.30
CA ILE C 173 11.70 -15.82 -24.90
C ILE C 173 12.52 -16.14 -26.13
N LEU C 174 12.09 -15.58 -27.26
CA LEU C 174 12.77 -15.74 -28.54
C LEU C 174 13.90 -14.70 -28.63
N ASP C 175 13.61 -13.46 -28.20
CA ASP C 175 14.58 -12.37 -28.24
C ASP C 175 14.07 -11.15 -27.45
N VAL C 176 15.00 -10.45 -26.78
CA VAL C 176 14.75 -9.13 -26.22
C VAL C 176 15.75 -8.19 -26.89
N THR C 177 15.28 -7.05 -27.40
CA THR C 177 16.14 -6.01 -27.93
C THR C 177 15.80 -4.64 -27.35
N GLN C 178 16.81 -3.76 -27.31
CA GLN C 178 16.72 -2.48 -26.65
C GLN C 178 17.28 -1.46 -27.62
N LYS C 179 16.46 -0.52 -28.06
CA LYS C 179 16.95 0.59 -28.85
C LYS C 179 16.61 1.93 -28.18
N LYS C 180 17.37 2.95 -28.53
CA LYS C 180 17.26 4.28 -28.02
C LYS C 180 16.58 5.17 -29.03
N ASN C 181 15.72 6.10 -28.54
CA ASN C 181 15.17 7.20 -29.32
C ASN C 181 15.41 8.55 -28.68
N SER C 182 15.53 9.55 -29.55
CA SER C 182 15.76 10.93 -29.21
C SER C 182 14.74 11.72 -29.99
N VAL C 183 13.80 12.34 -29.27
CA VAL C 183 12.74 13.17 -29.85
C VAL C 183 13.12 14.64 -29.65
N THR C 184 13.10 15.40 -30.74
CA THR C 184 13.40 16.82 -30.74
C THR C 184 12.29 17.57 -31.47
N TYR C 185 11.99 18.77 -30.97
CA TYR C 185 10.89 19.66 -31.41
C TYR C 185 11.49 20.98 -31.86
N SER C 186 10.85 21.67 -32.82
CA SER C 186 11.43 22.87 -33.43
C SER C 186 11.46 24.07 -32.48
N CYS C 187 10.66 24.00 -31.40
CA CYS C 187 10.67 25.03 -30.35
C CYS C 187 12.01 25.13 -29.63
N CYS C 188 12.56 23.98 -29.27
CA CYS C 188 13.46 23.84 -28.12
C CYS C 188 14.72 23.07 -28.52
N PRO C 189 15.92 23.45 -28.02
CA PRO C 189 17.16 22.78 -28.39
C PRO C 189 17.37 21.41 -27.72
N GLU C 190 16.61 21.12 -26.65
CA GLU C 190 16.84 19.92 -25.86
C GLU C 190 16.01 18.75 -26.43
N ALA C 191 16.46 17.53 -26.11
CA ALA C 191 15.87 16.31 -26.61
C ALA C 191 15.24 15.50 -25.49
N TYR C 192 14.25 14.68 -25.87
CA TYR C 192 13.52 13.80 -24.93
C TYR C 192 13.82 12.36 -25.33
N GLU C 193 14.46 11.62 -24.42
CA GLU C 193 15.08 10.36 -24.70
C GLU C 193 14.23 9.24 -24.09
N ASP C 194 14.14 8.11 -24.79
CA ASP C 194 13.56 6.88 -24.23
C ASP C 194 14.34 5.67 -24.73
N VAL C 195 14.13 4.54 -24.05
CA VAL C 195 14.61 3.27 -24.47
C VAL C 195 13.40 2.43 -24.80
N GLU C 196 13.38 1.83 -25.99
CA GLU C 196 12.33 0.92 -26.44
C GLU C 196 12.84 -0.48 -26.26
N VAL C 197 12.17 -1.24 -25.40
CA VAL C 197 12.50 -2.64 -25.12
C VAL C 197 11.46 -3.51 -25.83
N SER C 198 11.95 -4.40 -26.69
CA SER C 198 11.13 -5.30 -27.49
C SER C 198 11.29 -6.74 -27.02
N LEU C 199 10.19 -7.32 -26.54
CA LEU C 199 10.15 -8.66 -25.95
C LEU C 199 9.39 -9.55 -26.93
N ASN C 200 10.14 -10.40 -27.63
CA ASN C 200 9.59 -11.34 -28.55
C ASN C 200 9.47 -12.69 -27.84
N PHE C 201 8.23 -13.13 -27.60
CA PHE C 201 7.95 -14.36 -26.85
C PHE C 201 6.79 -15.13 -27.47
N ARG C 202 6.68 -16.42 -27.16
CA ARG C 202 5.54 -17.27 -27.61
C ARG C 202 5.21 -18.32 -26.56
N LYS C 203 4.03 -18.91 -26.67
CA LYS C 203 3.65 -20.08 -25.89
C LYS C 203 4.48 -21.27 -26.33
N LYS C 204 4.89 -22.10 -25.37
CA LYS C 204 5.46 -23.41 -25.66
C LYS C 204 4.34 -24.36 -26.02
N GLY C 205 4.60 -25.30 -26.92
CA GLY C 205 3.67 -26.37 -27.25
C GLY C 205 3.15 -26.21 -28.66
N LEU D 1 19.01 -2.00 34.76
CA LEU D 1 18.35 -1.32 33.65
C LEU D 1 16.92 -1.79 33.63
N ASP D 2 16.00 -0.89 33.32
CA ASP D 2 14.63 -1.30 33.02
C ASP D 2 14.41 -1.40 31.50
N ARG D 3 13.23 -1.86 31.10
CA ARG D 3 12.89 -2.10 29.67
C ARG D 3 13.03 -0.79 28.88
N ALA D 4 12.58 0.33 29.45
CA ALA D 4 12.67 1.62 28.75
C ALA D 4 14.10 2.02 28.46
N ASP D 5 14.99 1.79 29.43
CA ASP D 5 16.43 2.08 29.33
C ASP D 5 17.04 1.22 28.22
N ILE D 6 16.72 -0.07 28.23
CA ILE D 6 17.22 -0.94 27.22
C ILE D 6 16.79 -0.47 25.83
N LEU D 7 15.50 -0.10 25.68
CA LEU D 7 15.00 0.31 24.39
C LEU D 7 15.69 1.60 23.94
N TYR D 8 15.91 2.51 24.89
CA TYR D 8 16.65 3.77 24.64
C TYR D 8 18.05 3.45 24.13
N ASN D 9 18.79 2.57 24.81
CA ASN D 9 20.15 2.24 24.39
C ASN D 9 20.17 1.55 23.04
N ILE D 10 19.22 0.64 22.81
CA ILE D 10 19.11 0.01 21.51
C ILE D 10 18.92 1.04 20.39
N ARG D 11 18.11 2.07 20.62
CA ARG D 11 17.85 3.11 19.58
C ARG D 11 19.13 3.92 19.31
N GLN D 12 19.79 4.41 20.36
CA GLN D 12 21.11 5.06 20.24
C GLN D 12 22.16 4.24 19.51
N THR D 13 22.17 2.93 19.70
CA THR D 13 23.22 2.06 19.22
C THR D 13 22.93 1.41 17.86
N SER D 14 21.69 0.92 17.68
CA SER D 14 21.27 0.37 16.41
C SER D 14 21.14 1.48 15.40
N ARG D 15 21.78 1.25 14.24
CA ARG D 15 21.65 2.05 13.01
C ARG D 15 20.92 1.16 12.03
N PRO D 16 19.62 1.40 11.80
CA PRO D 16 18.84 0.50 10.96
C PRO D 16 19.32 0.36 9.50
N ASP D 17 20.07 1.33 8.99
CA ASP D 17 20.57 1.24 7.63
C ASP D 17 22.02 0.85 7.51
N VAL D 18 22.61 0.40 8.63
CA VAL D 18 24.00 -0.01 8.64
C VAL D 18 24.09 -1.46 9.08
N ILE D 19 24.65 -2.27 8.19
CA ILE D 19 24.87 -3.66 8.47
C ILE D 19 25.80 -3.72 9.69
N PRO D 20 25.48 -4.53 10.72
CA PRO D 20 26.30 -4.55 11.93
C PRO D 20 27.49 -5.51 11.80
N THR D 21 28.34 -5.30 10.81
CA THR D 21 29.51 -6.13 10.66
C THR D 21 30.42 -5.74 11.81
N GLN D 22 31.01 -6.76 12.40
CA GLN D 22 31.95 -6.66 13.51
C GLN D 22 33.32 -7.06 12.96
N ARG D 23 34.22 -6.07 12.85
CA ARG D 23 35.49 -6.13 12.08
C ARG D 23 35.15 -6.41 10.61
N ASP D 24 36.11 -6.86 9.81
CA ASP D 24 35.88 -7.39 8.47
C ASP D 24 34.78 -8.43 8.27
N ARG D 25 34.26 -9.10 9.32
CA ARG D 25 33.61 -10.43 9.23
C ARG D 25 32.11 -10.29 8.95
N PRO D 26 31.51 -11.25 8.22
CA PRO D 26 30.12 -11.11 7.80
C PRO D 26 29.13 -11.26 8.96
N VAL D 27 27.97 -10.65 8.85
CA VAL D 27 26.87 -10.96 9.73
C VAL D 27 26.33 -12.32 9.29
N ALA D 28 26.32 -13.27 10.23
CA ALA D 28 25.82 -14.61 10.04
C ALA D 28 24.31 -14.63 10.24
N VAL D 29 23.54 -14.71 9.16
CA VAL D 29 22.11 -14.79 9.24
C VAL D 29 21.68 -16.24 9.03
N SER D 30 20.80 -16.72 9.89
CA SER D 30 20.23 -18.04 9.71
C SER D 30 18.75 -17.86 9.38
N VAL D 31 18.25 -18.64 8.42
CA VAL D 31 16.88 -18.57 8.00
C VAL D 31 16.29 -19.93 7.72
N SER D 32 15.02 -20.07 8.08
CA SER D 32 14.29 -21.32 7.94
C SER D 32 12.81 -21.00 7.76
N LEU D 33 12.15 -21.68 6.81
CA LEU D 33 10.73 -21.51 6.57
C LEU D 33 9.89 -22.59 7.25
N LYS D 34 8.87 -22.17 7.99
CA LYS D 34 7.80 -23.03 8.44
C LYS D 34 6.53 -22.73 7.69
N PHE D 35 6.06 -23.72 6.95
CA PHE D 35 4.86 -23.61 6.15
C PHE D 35 3.59 -23.78 6.96
N ILE D 36 2.71 -22.79 6.78
CA ILE D 36 1.46 -22.70 7.47
C ILE D 36 0.32 -23.11 6.55
N ASN D 37 0.38 -22.69 5.27
CA ASN D 37 -0.63 -23.04 4.31
C ASN D 37 -0.16 -22.88 2.89
N ILE D 38 -0.75 -23.67 1.99
CA ILE D 38 -0.60 -23.53 0.57
C ILE D 38 -2.02 -23.35 0.09
N LEU D 39 -2.32 -22.21 -0.54
CA LEU D 39 -3.67 -21.79 -0.79
C LEU D 39 -4.14 -22.07 -2.16
N GLU D 40 -3.41 -21.59 -3.15
CA GLU D 40 -3.87 -21.75 -4.51
C GLU D 40 -2.69 -22.34 -5.24
N VAL D 41 -2.98 -23.27 -6.14
CA VAL D 41 -1.98 -23.85 -7.02
C VAL D 41 -2.56 -23.73 -8.42
N ASN D 42 -1.68 -23.57 -9.41
CA ASN D 42 -2.06 -23.55 -10.80
C ASN D 42 -1.09 -24.38 -11.65
N GLU D 43 -1.54 -25.56 -12.10
CA GLU D 43 -0.73 -26.46 -12.94
C GLU D 43 -0.47 -25.81 -14.31
N ILE D 44 -1.46 -25.11 -14.87
CA ILE D 44 -1.30 -24.35 -16.13
C ILE D 44 -0.23 -23.25 -16.03
N THR D 45 -0.41 -22.28 -15.10
CA THR D 45 0.52 -21.13 -15.00
C THR D 45 1.77 -21.35 -14.16
N ASN D 46 1.84 -22.47 -13.43
CA ASN D 46 2.95 -22.77 -12.52
C ASN D 46 3.12 -21.72 -11.38
N GLU D 47 1.98 -21.23 -10.90
CA GLU D 47 1.97 -20.29 -9.80
C GLU D 47 1.42 -20.96 -8.53
N VAL D 48 2.05 -20.69 -7.39
CA VAL D 48 1.60 -21.20 -6.11
C VAL D 48 1.54 -20.07 -5.10
N ASP D 49 0.52 -20.07 -4.24
CA ASP D 49 0.29 -19.03 -3.26
C ASP D 49 0.48 -19.65 -1.87
N VAL D 50 1.42 -19.15 -1.09
CA VAL D 50 1.90 -19.85 0.09
C VAL D 50 1.98 -18.92 1.31
N VAL D 51 1.63 -19.42 2.50
CA VAL D 51 1.86 -18.73 3.76
C VAL D 51 2.91 -19.46 4.58
N PHE D 52 3.93 -18.74 5.06
CA PHE D 52 5.01 -19.32 5.85
C PHE D 52 5.56 -18.37 6.90
N TRP D 53 6.06 -18.94 7.99
CA TRP D 53 6.80 -18.20 9.00
C TRP D 53 8.27 -18.28 8.62
N GLN D 54 8.91 -17.12 8.48
CA GLN D 54 10.31 -17.01 8.14
C GLN D 54 11.13 -16.79 9.39
N GLN D 55 11.58 -17.86 10.01
CA GLN D 55 12.43 -17.79 11.19
C GLN D 55 13.80 -17.25 10.79
N THR D 56 14.12 -16.04 11.24
CA THR D 56 15.36 -15.37 10.89
C THR D 56 16.12 -14.99 12.16
N THR D 57 17.41 -15.26 12.22
CA THR D 57 18.21 -14.81 13.35
C THR D 57 19.60 -14.37 12.95
N TRP D 58 20.20 -13.48 13.77
CA TRP D 58 21.53 -12.96 13.58
C TRP D 58 21.96 -12.29 14.87
N SER D 59 23.23 -11.86 14.92
CA SER D 59 23.80 -11.23 16.10
C SER D 59 24.22 -9.81 15.76
N ASP D 60 24.01 -8.90 16.71
CA ASP D 60 24.59 -7.58 16.67
C ASP D 60 25.09 -7.30 18.07
N ARG D 61 26.38 -7.59 18.30
CA ARG D 61 26.96 -7.61 19.66
C ARG D 61 26.91 -6.21 20.28
N THR D 62 26.82 -5.15 19.47
CA THR D 62 26.81 -3.79 19.99
C THR D 62 25.54 -3.46 20.74
N LEU D 63 24.47 -4.23 20.49
CA LEU D 63 23.22 -4.12 21.22
C LEU D 63 23.24 -4.71 22.64
N ALA D 64 24.26 -5.51 22.95
CA ALA D 64 24.29 -6.31 24.17
C ALA D 64 24.28 -5.44 25.42
N TRP D 65 23.70 -6.00 26.50
CA TRP D 65 23.73 -5.37 27.80
C TRP D 65 23.90 -6.42 28.89
N ASN D 66 24.32 -5.98 30.07
CA ASN D 66 24.38 -6.80 31.27
C ASN D 66 22.99 -7.08 31.82
N SER D 67 22.64 -8.36 31.93
CA SER D 67 21.28 -8.79 32.24
C SER D 67 21.03 -9.30 33.66
N SER D 68 22.05 -9.27 34.52
CA SER D 68 21.79 -9.51 35.94
C SER D 68 21.04 -8.26 36.39
N HIS D 69 20.07 -8.43 37.27
CA HIS D 69 19.19 -7.36 37.73
C HIS D 69 18.45 -6.60 36.62
N SER D 70 18.42 -7.14 35.39
CA SER D 70 17.74 -6.50 34.24
C SER D 70 17.01 -7.58 33.44
N PRO D 71 16.02 -7.21 32.61
CA PRO D 71 15.42 -8.15 31.66
C PRO D 71 16.44 -8.77 30.70
N ASP D 72 16.27 -10.05 30.38
CA ASP D 72 17.22 -10.80 29.54
C ASP D 72 16.88 -10.65 28.07
N GLN D 73 15.65 -10.26 27.75
CA GLN D 73 15.24 -9.93 26.39
C GLN D 73 14.22 -8.83 26.36
N VAL D 74 14.08 -8.21 25.18
CA VAL D 74 13.07 -7.23 24.91
C VAL D 74 12.56 -7.39 23.48
N SER D 75 11.38 -6.80 23.21
CA SER D 75 10.76 -6.81 21.91
C SER D 75 10.95 -5.42 21.41
N VAL D 76 11.31 -5.29 20.12
CA VAL D 76 11.77 -4.03 19.57
C VAL D 76 11.17 -3.92 18.17
N PRO D 77 10.61 -2.75 17.78
CA PRO D 77 10.10 -2.59 16.42
C PRO D 77 11.27 -2.75 15.45
N ILE D 78 11.05 -3.41 14.31
CA ILE D 78 12.14 -3.54 13.35
C ILE D 78 12.60 -2.24 12.72
N SER D 79 11.78 -1.19 12.76
CA SER D 79 12.21 0.09 12.24
C SER D 79 13.33 0.71 13.12
N SER D 80 13.53 0.18 14.32
CA SER D 80 14.64 0.59 15.21
C SER D 80 15.93 -0.21 15.03
N LEU D 81 15.92 -1.22 14.15
CA LEU D 81 16.98 -2.19 14.01
C LEU D 81 17.38 -2.40 12.58
N TRP D 82 18.63 -2.79 12.34
CA TRP D 82 19.00 -3.36 11.09
C TRP D 82 18.40 -4.76 11.02
N VAL D 83 17.74 -5.06 9.90
CA VAL D 83 17.29 -6.41 9.53
C VAL D 83 17.89 -6.75 8.17
N PRO D 84 18.26 -8.02 7.92
CA PRO D 84 18.79 -8.40 6.61
C PRO D 84 17.79 -8.16 5.46
N ASP D 85 18.33 -7.82 4.28
CA ASP D 85 17.57 -7.45 3.09
C ASP D 85 17.26 -8.71 2.28
N LEU D 86 16.68 -9.69 2.97
CA LEU D 86 16.37 -10.97 2.35
C LEU D 86 15.23 -10.82 1.34
N ALA D 87 15.28 -11.65 0.30
CA ALA D 87 14.27 -11.69 -0.74
C ALA D 87 14.19 -13.09 -1.33
N ALA D 88 13.00 -13.47 -1.75
CA ALA D 88 12.80 -14.69 -2.49
C ALA D 88 13.04 -14.34 -3.96
N TYR D 89 14.13 -14.85 -4.52
CA TYR D 89 14.60 -14.55 -5.90
C TYR D 89 13.50 -14.84 -6.93
N ASN D 90 12.63 -15.83 -6.68
CA ASN D 90 11.65 -16.29 -7.66
C ASN D 90 10.20 -16.02 -7.25
N ALA D 91 10.01 -15.05 -6.36
CA ALA D 91 8.70 -14.55 -6.02
C ALA D 91 8.12 -13.79 -7.23
N ILE D 92 6.81 -13.85 -7.39
CA ILE D 92 6.13 -13.09 -8.41
C ILE D 92 5.08 -12.17 -7.79
N SER D 93 5.13 -12.01 -6.47
CA SER D 93 4.31 -11.02 -5.77
C SER D 93 5.16 -10.45 -4.66
N LYS D 94 4.78 -9.28 -4.19
CA LYS D 94 5.41 -8.63 -3.05
C LYS D 94 5.04 -9.45 -1.82
N PRO D 95 5.94 -9.62 -0.83
CA PRO D 95 5.57 -10.34 0.39
C PRO D 95 4.56 -9.54 1.22
N GLU D 96 3.39 -10.11 1.55
CA GLU D 96 2.41 -9.55 2.46
C GLU D 96 2.83 -10.06 3.86
N VAL D 97 3.32 -9.14 4.70
CA VAL D 97 3.65 -9.45 6.08
C VAL D 97 2.39 -9.39 6.92
N LEU D 98 2.07 -10.51 7.60
CA LEU D 98 0.79 -10.68 8.25
C LEU D 98 0.80 -10.29 9.71
N THR D 99 2.00 -10.19 10.30
CA THR D 99 2.14 -10.13 11.74
C THR D 99 2.73 -8.78 12.15
N PRO D 100 2.69 -8.43 13.46
CA PRO D 100 3.39 -7.25 13.96
C PRO D 100 4.91 -7.30 13.69
N GLN D 101 5.45 -6.19 13.20
CA GLN D 101 6.81 -6.07 12.84
C GLN D 101 7.69 -5.76 14.04
N LEU D 102 7.87 -6.78 14.87
CA LEU D 102 8.70 -6.69 16.03
C LEU D 102 9.70 -7.80 15.99
N ALA D 103 10.90 -7.55 16.51
CA ALA D 103 11.89 -8.55 16.71
C ALA D 103 12.12 -8.69 18.21
N ARG D 104 12.71 -9.82 18.58
CA ARG D 104 13.17 -10.14 19.96
C ARG D 104 14.69 -9.88 20.01
N VAL D 105 15.18 -9.03 20.91
CA VAL D 105 16.61 -8.86 21.13
C VAL D 105 16.98 -9.45 22.48
N VAL D 106 17.95 -10.38 22.45
CA VAL D 106 18.50 -11.00 23.65
C VAL D 106 19.67 -10.17 24.18
N SER D 107 19.87 -10.19 25.50
CA SER D 107 20.88 -9.35 26.16
C SER D 107 22.31 -9.56 25.68
N ASP D 108 22.54 -10.68 25.00
CA ASP D 108 23.85 -10.96 24.38
C ASP D 108 23.99 -10.40 22.94
N GLY D 109 22.93 -9.78 22.43
CA GLY D 109 22.95 -9.18 21.11
C GLY D 109 22.33 -10.02 19.99
N GLU D 110 21.85 -11.22 20.34
CA GLU D 110 21.14 -12.04 19.36
C GLU D 110 19.78 -11.41 19.01
N VAL D 111 19.42 -11.44 17.72
CA VAL D 111 18.15 -10.93 17.24
C VAL D 111 17.33 -12.05 16.59
N LEU D 112 16.06 -12.17 16.98
CA LEU D 112 15.12 -13.13 16.43
C LEU D 112 13.94 -12.37 15.81
N TYR D 113 13.77 -12.51 14.50
CA TYR D 113 12.63 -11.93 13.71
C TYR D 113 11.92 -13.07 12.95
N MET D 114 10.61 -13.21 13.16
CA MET D 114 9.83 -14.28 12.60
C MET D 114 8.51 -13.73 12.07
N PRO D 115 8.54 -13.02 10.93
CA PRO D 115 7.31 -12.60 10.28
C PRO D 115 6.55 -13.79 9.68
N SER D 116 5.23 -13.71 9.71
CA SER D 116 4.40 -14.58 8.90
C SER D 116 4.21 -13.87 7.57
N ILE D 117 4.53 -14.56 6.48
CA ILE D 117 4.48 -13.95 5.16
C ILE D 117 3.55 -14.74 4.22
N ARG D 118 2.74 -14.02 3.45
CA ARG D 118 2.00 -14.63 2.32
C ARG D 118 2.58 -14.12 1.00
N GLN D 119 2.94 -15.05 0.11
CA GLN D 119 3.59 -14.71 -1.13
C GLN D 119 3.34 -15.74 -2.22
N ARG D 120 3.26 -15.27 -3.46
CA ARG D 120 3.08 -16.12 -4.67
C ARG D 120 4.45 -16.45 -5.28
N PHE D 121 4.65 -17.67 -5.76
CA PHE D 121 5.89 -18.08 -6.45
C PHE D 121 5.66 -18.70 -7.82
N SER D 122 6.68 -18.56 -8.67
CA SER D 122 6.78 -19.31 -9.92
C SER D 122 7.43 -20.62 -9.51
N CYS D 123 6.77 -21.74 -9.84
CA CYS D 123 7.13 -23.03 -9.26
C CYS D 123 6.73 -24.17 -10.14
N ASP D 124 7.50 -25.25 -10.14
CA ASP D 124 7.20 -26.44 -10.97
C ASP D 124 5.71 -26.86 -11.10
N VAL D 125 5.09 -27.31 -10.01
CA VAL D 125 3.64 -27.56 -9.92
C VAL D 125 3.17 -28.93 -10.40
N SER D 126 3.97 -29.61 -11.23
CA SER D 126 3.47 -30.82 -11.88
C SER D 126 3.36 -31.97 -10.87
N GLY D 127 2.28 -32.75 -11.01
CA GLY D 127 2.05 -33.93 -10.21
C GLY D 127 1.48 -33.69 -8.83
N VAL D 128 0.99 -32.47 -8.59
CA VAL D 128 0.23 -32.11 -7.40
C VAL D 128 -0.91 -33.09 -7.08
N ASP D 129 -1.52 -33.64 -8.13
CA ASP D 129 -2.59 -34.65 -8.04
C ASP D 129 -2.11 -36.10 -7.93
N THR D 130 -0.79 -36.32 -7.83
CA THR D 130 -0.22 -37.67 -7.84
C THR D 130 0.34 -38.03 -6.46
N GLU D 131 0.66 -39.32 -6.27
CA GLU D 131 1.15 -39.86 -5.02
C GLU D 131 2.50 -39.21 -4.64
N SER D 132 3.36 -39.04 -5.64
CA SER D 132 4.70 -38.48 -5.46
C SER D 132 4.64 -36.97 -5.20
N GLY D 133 3.66 -36.29 -5.82
CA GLY D 133 3.38 -34.89 -5.56
C GLY D 133 4.14 -33.94 -6.46
N ALA D 134 4.01 -32.64 -6.20
CA ALA D 134 4.81 -31.59 -6.82
C ALA D 134 5.86 -31.09 -5.82
N THR D 135 6.93 -30.48 -6.34
CA THR D 135 7.94 -29.83 -5.51
C THR D 135 8.12 -28.38 -5.99
N CYS D 136 7.87 -27.45 -5.06
CA CYS D 136 8.08 -26.04 -5.26
C CYS D 136 9.37 -25.62 -4.53
N ARG D 137 10.30 -24.98 -5.25
CA ARG D 137 11.57 -24.43 -4.69
C ARG D 137 11.42 -22.92 -4.43
N ILE D 138 11.83 -22.47 -3.23
CA ILE D 138 11.87 -21.07 -2.92
C ILE D 138 13.31 -20.73 -2.57
N LYS D 139 13.87 -19.75 -3.26
CA LYS D 139 15.27 -19.37 -3.09
C LYS D 139 15.32 -18.07 -2.33
N ILE D 140 15.90 -18.06 -1.13
CA ILE D 140 16.00 -16.86 -0.31
C ILE D 140 17.44 -16.47 0.02
N GLY D 141 17.77 -15.20 -0.24
CA GLY D 141 19.09 -14.65 -0.04
C GLY D 141 19.08 -13.14 0.08
N SER D 142 20.24 -12.55 0.32
CA SER D 142 20.35 -11.11 0.44
C SER D 142 20.22 -10.54 -0.97
N TRP D 143 19.43 -9.48 -1.11
CA TRP D 143 19.24 -8.83 -2.39
C TRP D 143 20.49 -8.05 -2.81
N THR D 144 21.20 -7.42 -1.87
CA THR D 144 22.32 -6.54 -2.23
C THR D 144 23.69 -6.85 -1.64
N HIS D 145 23.74 -7.72 -0.64
CA HIS D 145 24.98 -8.03 0.06
C HIS D 145 25.53 -9.39 -0.31
N HIS D 146 26.83 -9.46 -0.55
CA HIS D 146 27.55 -10.70 -0.77
C HIS D 146 28.10 -11.29 0.53
N SER D 147 28.81 -12.42 0.38
CA SER D 147 29.20 -13.31 1.48
C SER D 147 30.19 -12.73 2.46
N ARG D 148 30.95 -11.70 2.07
CA ARG D 148 31.86 -10.98 3.00
C ARG D 148 31.05 -10.03 3.91
N GLU D 149 29.78 -9.76 3.60
CA GLU D 149 28.94 -8.87 4.37
C GLU D 149 27.85 -9.59 5.13
N ILE D 150 27.15 -10.49 4.44
CA ILE D 150 26.14 -11.38 5.02
C ILE D 150 26.39 -12.82 4.58
N SER D 151 26.38 -13.74 5.54
CA SER D 151 26.33 -15.17 5.19
C SER D 151 24.93 -15.67 5.55
N VAL D 152 24.42 -16.62 4.76
CA VAL D 152 23.07 -17.10 4.90
C VAL D 152 23.09 -18.57 5.02
N ASP D 153 22.59 -19.10 6.14
CA ASP D 153 22.61 -20.55 6.39
C ASP D 153 21.26 -21.03 6.89
N PRO D 154 20.86 -22.30 6.65
CA PRO D 154 19.74 -22.87 7.39
C PRO D 154 20.18 -23.09 8.84
N ASP D 160 10.82 -31.02 11.40
CA ASP D 160 9.51 -31.46 11.91
C ASP D 160 8.44 -31.58 10.82
N ASP D 161 8.26 -30.49 10.06
CA ASP D 161 7.35 -30.38 8.89
C ASP D 161 5.99 -29.69 9.21
N SER D 162 5.00 -30.52 9.57
CA SER D 162 3.57 -30.20 9.48
C SER D 162 3.04 -29.57 10.77
N GLU D 163 3.93 -29.13 11.68
CA GLU D 163 3.56 -28.89 13.06
C GLU D 163 2.63 -27.69 13.17
N TYR D 164 2.82 -26.72 12.26
CA TYR D 164 1.95 -25.51 12.19
C TYR D 164 1.16 -25.51 10.87
N PHE D 165 1.16 -26.58 10.08
CA PHE D 165 0.45 -26.60 8.83
C PHE D 165 -1.09 -26.76 9.02
N SER D 166 -1.86 -25.86 8.41
CA SER D 166 -3.29 -25.77 8.60
C SER D 166 -3.95 -27.11 8.26
N GLN D 167 -4.80 -27.57 9.18
CA GLN D 167 -5.65 -28.73 8.99
C GLN D 167 -6.75 -28.57 7.92
N TYR D 168 -7.09 -27.35 7.54
CA TYR D 168 -8.11 -27.04 6.51
C TYR D 168 -7.47 -26.92 5.11
N SER D 169 -6.15 -26.99 4.98
CA SER D 169 -5.53 -26.96 3.66
C SER D 169 -5.99 -28.09 2.74
N ARG D 170 -6.09 -27.81 1.44
CA ARG D 170 -6.40 -28.79 0.38
C ARG D 170 -5.20 -29.74 0.20
N PHE D 171 -4.00 -29.32 0.62
CA PHE D 171 -2.78 -30.06 0.36
C PHE D 171 -2.22 -30.61 1.64
N GLU D 172 -1.29 -31.55 1.48
CA GLU D 172 -0.49 -32.08 2.57
C GLU D 172 0.97 -32.00 2.18
N ILE D 173 1.84 -31.82 3.19
CA ILE D 173 3.28 -31.75 3.01
C ILE D 173 3.91 -33.14 3.12
N LEU D 174 4.56 -33.57 2.04
CA LEU D 174 5.28 -34.83 2.00
C LEU D 174 6.68 -34.68 2.59
N ASP D 175 7.33 -33.56 2.25
CA ASP D 175 8.70 -33.27 2.68
C ASP D 175 9.07 -31.81 2.40
N VAL D 176 9.82 -31.22 3.35
CA VAL D 176 10.47 -29.93 3.15
C VAL D 176 11.96 -30.16 3.36
N THR D 177 12.78 -29.68 2.41
CA THR D 177 14.24 -29.68 2.60
C THR D 177 14.82 -28.30 2.33
N GLN D 178 15.91 -27.98 3.04
CA GLN D 178 16.51 -26.66 3.05
C GLN D 178 17.97 -26.85 2.83
N LYS D 179 18.47 -26.45 1.66
CA LYS D 179 19.90 -26.55 1.40
C LYS D 179 20.46 -25.17 1.05
N LYS D 180 21.77 -25.02 1.25
CA LYS D 180 22.47 -23.80 1.05
C LYS D 180 23.18 -23.81 -0.29
N ASN D 181 23.19 -22.63 -0.94
CA ASN D 181 24.02 -22.37 -2.12
C ASN D 181 24.89 -21.14 -1.95
N SER D 182 26.01 -21.18 -2.68
CA SER D 182 26.97 -20.14 -2.84
C SER D 182 27.13 -19.98 -4.35
N VAL D 183 26.74 -18.80 -4.84
CA VAL D 183 26.89 -18.42 -6.23
C VAL D 183 28.12 -17.52 -6.37
N THR D 184 29.03 -17.85 -7.29
CA THR D 184 30.20 -17.02 -7.55
C THR D 184 30.28 -16.62 -9.02
N TYR D 185 30.66 -15.36 -9.24
CA TYR D 185 30.63 -14.66 -10.55
C TYR D 185 32.06 -14.19 -10.89
N SER D 186 32.35 -14.11 -12.20
CA SER D 186 33.68 -13.88 -12.71
C SER D 186 34.28 -12.52 -12.39
N CYS D 187 33.42 -11.54 -12.06
CA CYS D 187 33.90 -10.18 -11.70
C CYS D 187 34.69 -10.20 -10.39
N CYS D 188 34.15 -10.93 -9.40
CA CYS D 188 34.32 -10.63 -7.99
C CYS D 188 34.75 -11.87 -7.22
N PRO D 189 35.64 -11.75 -6.21
CA PRO D 189 36.03 -12.90 -5.39
C PRO D 189 34.97 -13.32 -4.37
N GLU D 190 33.97 -12.46 -4.11
CA GLU D 190 32.97 -12.71 -3.11
C GLU D 190 31.79 -13.46 -3.72
N ALA D 191 31.05 -14.16 -2.84
CA ALA D 191 29.97 -15.07 -3.21
C ALA D 191 28.61 -14.55 -2.75
N TYR D 192 27.53 -15.00 -3.40
CA TYR D 192 26.14 -14.66 -3.00
C TYR D 192 25.44 -15.90 -2.50
N GLU D 193 25.02 -15.88 -1.23
CA GLU D 193 24.54 -17.04 -0.53
C GLU D 193 23.01 -17.00 -0.46
N ASP D 194 22.40 -18.17 -0.66
CA ASP D 194 20.96 -18.33 -0.49
C ASP D 194 20.64 -19.64 0.18
N VAL D 195 19.40 -19.76 0.65
CA VAL D 195 18.87 -21.02 1.11
C VAL D 195 17.77 -21.39 0.12
N GLU D 196 17.85 -22.62 -0.42
CA GLU D 196 16.87 -23.16 -1.35
C GLU D 196 16.00 -24.09 -0.53
N VAL D 197 14.72 -23.74 -0.45
CA VAL D 197 13.73 -24.49 0.29
C VAL D 197 12.88 -25.22 -0.72
N SER D 198 12.83 -26.55 -0.56
CA SER D 198 12.08 -27.45 -1.44
C SER D 198 10.87 -28.01 -0.69
N LEU D 199 9.67 -27.67 -1.19
CA LEU D 199 8.40 -28.02 -0.60
C LEU D 199 7.75 -29.04 -1.50
N ASN D 200 7.75 -30.29 -1.05
CA ASN D 200 7.15 -31.38 -1.75
C ASN D 200 5.75 -31.60 -1.14
N PHE D 201 4.71 -31.31 -1.93
CA PHE D 201 3.33 -31.35 -1.45
C PHE D 201 2.41 -31.92 -2.51
N ARG D 202 1.23 -32.40 -2.09
CA ARG D 202 0.19 -32.91 -3.01
C ARG D 202 -1.20 -32.63 -2.46
N LYS D 203 -2.20 -32.77 -3.33
CA LYS D 203 -3.59 -32.74 -2.94
C LYS D 203 -3.92 -33.95 -2.11
N LYS D 204 -4.77 -33.76 -1.09
CA LYS D 204 -5.30 -34.84 -0.30
C LYS D 204 -6.40 -35.59 -1.08
N LEU E 1 -6.53 39.16 8.08
CA LEU E 1 -5.80 37.90 8.01
C LEU E 1 -5.89 37.39 6.59
N ASP E 2 -4.78 36.84 6.09
CA ASP E 2 -4.82 36.10 4.83
C ASP E 2 -4.95 34.58 5.11
N ARG E 3 -5.08 33.79 4.06
CA ARG E 3 -5.29 32.32 4.15
C ARG E 3 -4.14 31.64 4.90
N ALA E 4 -2.91 32.06 4.65
CA ALA E 4 -1.75 31.47 5.34
C ALA E 4 -1.79 31.74 6.84
N ASP E 5 -2.21 32.97 7.21
CA ASP E 5 -2.35 33.39 8.61
C ASP E 5 -3.43 32.60 9.30
N ILE E 6 -4.56 32.39 8.62
CA ILE E 6 -5.61 31.60 9.17
C ILE E 6 -5.13 30.21 9.44
N LEU E 7 -4.40 29.62 8.48
CA LEU E 7 -3.96 28.25 8.66
C LEU E 7 -2.97 28.18 9.83
N TYR E 8 -2.09 29.18 9.93
CA TYR E 8 -1.11 29.31 11.03
C TYR E 8 -1.89 29.37 12.36
N ASN E 9 -2.90 30.23 12.49
CA ASN E 9 -3.62 30.37 13.75
C ASN E 9 -4.38 29.11 14.10
N ILE E 10 -5.00 28.49 13.10
CA ILE E 10 -5.62 27.19 13.33
C ILE E 10 -4.61 26.17 13.91
N ARG E 11 -3.39 26.10 13.38
CA ARG E 11 -2.38 25.11 13.82
C ARG E 11 -1.95 25.42 15.27
N GLN E 12 -1.64 26.67 15.59
CA GLN E 12 -1.40 27.09 17.00
C GLN E 12 -2.49 26.77 17.99
N THR E 13 -3.75 26.90 17.58
CA THR E 13 -4.90 26.81 18.46
C THR E 13 -5.57 25.44 18.51
N SER E 14 -5.70 24.79 17.34
CA SER E 14 -6.38 23.54 17.18
C SER E 14 -5.56 22.46 17.84
N ARG E 15 -6.27 21.60 18.56
CA ARG E 15 -5.80 20.26 18.99
C ARG E 15 -6.54 19.20 18.18
N PRO E 16 -5.93 18.69 17.09
CA PRO E 16 -6.64 17.78 16.19
C PRO E 16 -7.08 16.45 16.85
N ASP E 17 -6.46 16.05 17.95
CA ASP E 17 -6.76 14.81 18.60
C ASP E 17 -7.60 14.98 19.85
N VAL E 18 -8.18 16.18 20.05
CA VAL E 18 -9.05 16.44 21.19
C VAL E 18 -10.38 16.92 20.67
N ILE E 19 -11.43 16.22 21.10
CA ILE E 19 -12.79 16.56 20.77
C ILE E 19 -13.02 17.97 21.31
N PRO E 20 -13.59 18.89 20.53
CA PRO E 20 -13.79 20.27 20.98
C PRO E 20 -15.07 20.42 21.81
N THR E 21 -15.20 19.67 22.91
CA THR E 21 -16.35 19.83 23.75
C THR E 21 -16.16 21.16 24.45
N GLN E 22 -17.25 21.90 24.51
CA GLN E 22 -17.36 23.11 25.30
C GLN E 22 -18.43 22.83 26.34
N ARG E 23 -18.02 22.80 27.61
CA ARG E 23 -18.87 23.09 28.80
C ARG E 23 -19.89 21.96 28.99
N ASP E 24 -19.41 20.72 28.89
CA ASP E 24 -20.23 19.51 29.09
C ASP E 24 -21.66 19.55 28.45
N ARG E 25 -21.71 20.03 27.20
CA ARG E 25 -22.72 19.61 26.19
C ARG E 25 -22.02 18.66 25.23
N PRO E 26 -22.72 17.73 24.56
CA PRO E 26 -22.12 16.95 23.49
C PRO E 26 -21.83 17.82 22.25
N VAL E 27 -20.80 17.48 21.49
CA VAL E 27 -20.53 18.14 20.25
C VAL E 27 -21.53 17.58 19.26
N ALA E 28 -22.29 18.49 18.65
CA ALA E 28 -23.36 18.19 17.71
C ALA E 28 -22.77 18.02 16.32
N VAL E 29 -22.72 16.78 15.85
CA VAL E 29 -22.28 16.49 14.50
C VAL E 29 -23.49 16.22 13.65
N SER E 30 -23.58 16.85 12.48
CA SER E 30 -24.69 16.58 11.59
C SER E 30 -24.11 15.82 10.38
N VAL E 31 -24.80 14.74 10.02
CA VAL E 31 -24.35 13.93 8.93
C VAL E 31 -25.51 13.54 8.02
N SER E 32 -25.23 13.62 6.72
CA SER E 32 -26.23 13.32 5.70
C SER E 32 -25.49 12.67 4.52
N LEU E 33 -26.07 11.59 3.99
CA LEU E 33 -25.45 10.88 2.88
C LEU E 33 -26.16 11.25 1.59
N LYS E 34 -25.40 11.69 0.58
CA LYS E 34 -25.91 11.91 -0.76
C LYS E 34 -25.32 10.84 -1.66
N PHE E 35 -26.20 10.00 -2.22
CA PHE E 35 -25.82 8.88 -3.00
C PHE E 35 -25.55 9.28 -4.41
N ILE E 36 -24.40 8.82 -4.92
CA ILE E 36 -23.90 9.14 -6.23
C ILE E 36 -24.11 7.95 -7.14
N ASN E 37 -23.82 6.75 -6.63
CA ASN E 37 -23.99 5.53 -7.44
C ASN E 37 -24.11 4.29 -6.60
N ILE E 38 -24.81 3.30 -7.15
CA ILE E 38 -24.88 1.97 -6.59
C ILE E 38 -24.32 1.07 -7.66
N LEU E 39 -23.23 0.37 -7.34
CA LEU E 39 -22.45 -0.35 -8.34
C LEU E 39 -22.78 -1.79 -8.45
N GLU E 40 -22.75 -2.50 -7.33
CA GLU E 40 -22.99 -3.92 -7.36
C GLU E 40 -23.97 -4.17 -6.27
N VAL E 41 -24.91 -5.06 -6.54
CA VAL E 41 -25.93 -5.51 -5.60
C VAL E 41 -25.89 -7.03 -5.68
N ASN E 42 -26.15 -7.68 -4.55
CA ASN E 42 -26.21 -9.13 -4.48
C ASN E 42 -27.34 -9.60 -3.57
N GLU E 43 -28.41 -10.13 -4.17
CA GLU E 43 -29.58 -10.64 -3.43
C GLU E 43 -29.18 -11.88 -2.61
N ILE E 44 -28.32 -12.75 -3.17
CA ILE E 44 -27.80 -13.93 -2.47
C ILE E 44 -26.99 -13.55 -1.21
N THR E 45 -25.91 -12.77 -1.38
CA THR E 45 -25.01 -12.45 -0.25
C THR E 45 -25.45 -11.26 0.61
N ASN E 46 -26.46 -10.50 0.15
CA ASN E 46 -26.91 -9.28 0.80
C ASN E 46 -25.80 -8.20 0.97
N GLU E 47 -24.97 -8.10 -0.08
CA GLU E 47 -23.93 -7.11 -0.14
C GLU E 47 -24.30 -6.05 -1.18
N VAL E 48 -24.02 -4.79 -0.84
CA VAL E 48 -24.19 -3.70 -1.77
C VAL E 48 -22.94 -2.84 -1.78
N ASP E 49 -22.55 -2.36 -2.96
CA ASP E 49 -21.36 -1.55 -3.15
C ASP E 49 -21.87 -0.16 -3.56
N VAL E 50 -21.53 0.87 -2.78
CA VAL E 50 -22.18 2.17 -2.92
C VAL E 50 -21.14 3.30 -2.94
N VAL E 51 -21.38 4.31 -3.77
CA VAL E 51 -20.63 5.58 -3.71
C VAL E 51 -21.53 6.69 -3.19
N PHE E 52 -21.09 7.43 -2.16
CA PHE E 52 -21.87 8.52 -1.58
C PHE E 52 -20.98 9.66 -1.09
N TRP E 53 -21.52 10.88 -1.10
CA TRP E 53 -20.91 12.01 -0.45
C TRP E 53 -21.44 12.08 0.99
N GLN E 54 -20.53 12.08 1.96
CA GLN E 54 -20.89 12.08 3.36
C GLN E 54 -20.77 13.52 3.88
N GLN E 55 -21.87 14.28 3.79
CA GLN E 55 -21.90 15.64 4.23
C GLN E 55 -21.86 15.66 5.75
N THR E 56 -20.75 16.15 6.30
CA THR E 56 -20.53 16.18 7.73
C THR E 56 -20.29 17.64 8.14
N THR E 57 -20.98 18.10 9.17
CA THR E 57 -20.70 19.39 9.71
C THR E 57 -20.76 19.44 11.22
N TRP E 58 -20.03 20.40 11.79
CA TRP E 58 -19.99 20.62 13.23
C TRP E 58 -19.37 21.99 13.46
N SER E 59 -19.40 22.42 14.72
CA SER E 59 -18.89 23.71 15.12
C SER E 59 -17.71 23.55 16.01
N ASP E 60 -16.71 24.37 15.76
CA ASP E 60 -15.59 24.51 16.67
C ASP E 60 -15.30 25.97 16.81
N ARG E 61 -15.85 26.60 17.84
CA ARG E 61 -15.87 28.08 18.02
C ARG E 61 -14.43 28.62 18.12
N THR E 62 -13.47 27.80 18.52
CA THR E 62 -12.08 28.25 18.65
C THR E 62 -11.43 28.53 17.31
N LEU E 63 -11.95 27.94 16.25
CA LEU E 63 -11.48 28.16 14.88
C LEU E 63 -12.02 29.44 14.27
N ALA E 64 -13.04 30.06 14.89
CA ALA E 64 -13.66 31.26 14.35
C ALA E 64 -12.67 32.40 14.21
N TRP E 65 -12.90 33.28 13.23
CA TRP E 65 -12.22 34.57 13.14
C TRP E 65 -13.18 35.65 12.71
N ASN E 66 -12.86 36.88 13.10
CA ASN E 66 -13.76 38.04 12.98
C ASN E 66 -13.02 39.30 12.47
N SER E 67 -11.80 39.10 12.01
CA SER E 67 -10.89 40.17 11.71
C SER E 67 -11.28 40.77 10.40
N SER E 68 -10.95 42.05 10.20
CA SER E 68 -11.19 42.69 8.90
C SER E 68 -10.28 42.08 7.85
N HIS E 69 -10.49 42.47 6.57
CA HIS E 69 -9.61 42.08 5.46
C HIS E 69 -9.29 40.58 5.40
N SER E 70 -10.33 39.79 5.64
CA SER E 70 -10.17 38.33 5.75
C SER E 70 -11.17 37.58 4.90
N PRO E 71 -10.81 36.40 4.38
CA PRO E 71 -11.77 35.53 3.71
C PRO E 71 -12.90 35.10 4.66
N ASP E 72 -14.04 34.69 4.11
CA ASP E 72 -15.15 34.11 4.85
C ASP E 72 -15.01 32.64 5.13
N GLN E 73 -14.19 31.96 4.31
CA GLN E 73 -13.87 30.54 4.52
C GLN E 73 -12.45 30.26 4.06
N VAL E 74 -11.93 29.14 4.52
CA VAL E 74 -10.71 28.54 4.04
C VAL E 74 -10.87 27.00 3.94
N SER E 75 -9.98 26.37 3.17
CA SER E 75 -9.92 24.96 2.99
C SER E 75 -8.66 24.60 3.74
N VAL E 76 -8.72 23.52 4.54
CA VAL E 76 -7.61 23.10 5.32
C VAL E 76 -7.48 21.58 5.25
N PRO E 77 -6.25 21.04 5.25
CA PRO E 77 -6.07 19.59 5.36
C PRO E 77 -6.72 19.07 6.66
N ILE E 78 -7.36 17.90 6.61
CA ILE E 78 -7.97 17.37 7.83
C ILE E 78 -7.06 17.07 9.00
N SER E 79 -5.78 16.87 8.72
CA SER E 79 -4.82 16.60 9.80
C SER E 79 -4.62 17.84 10.70
N SER E 80 -5.06 19.02 10.23
CA SER E 80 -4.98 20.25 11.00
C SER E 80 -6.16 20.52 11.95
N LEU E 81 -7.21 19.70 11.84
CA LEU E 81 -8.33 19.88 12.76
C LEU E 81 -8.80 18.58 13.35
N TRP E 82 -9.57 18.70 14.43
CA TRP E 82 -10.38 17.62 14.88
C TRP E 82 -11.50 17.38 13.88
N VAL E 83 -11.66 16.12 13.46
CA VAL E 83 -12.80 15.63 12.70
C VAL E 83 -13.44 14.48 13.48
N PRO E 84 -14.78 14.33 13.46
CA PRO E 84 -15.40 13.20 14.16
C PRO E 84 -14.92 11.83 13.60
N ASP E 85 -14.85 10.84 14.50
CA ASP E 85 -14.40 9.49 14.26
C ASP E 85 -15.58 8.65 13.81
N LEU E 86 -16.25 9.10 12.76
CA LEU E 86 -17.41 8.38 12.25
C LEU E 86 -17.04 7.05 11.61
N ALA E 87 -17.94 6.09 11.71
CA ALA E 87 -17.81 4.79 11.12
C ALA E 87 -19.17 4.23 10.77
N ALA E 88 -19.21 3.43 9.71
CA ALA E 88 -20.42 2.71 9.37
C ALA E 88 -20.37 1.41 10.10
N TYR E 89 -21.26 1.24 11.08
CA TYR E 89 -21.28 0.04 11.97
C TYR E 89 -21.38 -1.25 11.15
N ASN E 90 -22.02 -1.22 9.99
CA ASN E 90 -22.33 -2.40 9.22
C ASN E 90 -21.59 -2.47 7.87
N ALA E 91 -20.50 -1.71 7.76
CA ALA E 91 -19.62 -1.81 6.61
C ALA E 91 -18.89 -3.15 6.65
N ILE E 92 -18.62 -3.71 5.48
CA ILE E 92 -17.81 -4.91 5.37
C ILE E 92 -16.56 -4.66 4.55
N SER E 93 -16.29 -3.39 4.23
CA SER E 93 -15.04 -3.00 3.59
C SER E 93 -14.61 -1.71 4.20
N LYS E 94 -13.34 -1.39 4.05
CA LYS E 94 -12.77 -0.14 4.50
C LYS E 94 -13.33 0.94 3.57
N PRO E 95 -13.60 2.16 4.06
CA PRO E 95 -14.05 3.23 3.17
C PRO E 95 -12.90 3.69 2.27
N GLU E 96 -13.08 3.64 0.95
CA GLU E 96 -12.19 4.22 -0.04
C GLU E 96 -12.66 5.68 -0.18
N VAL E 97 -11.83 6.62 0.31
CA VAL E 97 -12.07 8.04 0.13
C VAL E 97 -11.53 8.46 -1.23
N LEU E 98 -12.41 9.02 -2.06
CA LEU E 98 -12.12 9.27 -3.47
C LEU E 98 -11.62 10.67 -3.74
N THR E 99 -11.76 11.57 -2.76
CA THR E 99 -11.57 12.97 -2.95
C THR E 99 -10.41 13.47 -2.09
N PRO E 100 -9.91 14.70 -2.37
CA PRO E 100 -8.91 15.34 -1.52
C PRO E 100 -9.38 15.50 -0.07
N GLN E 101 -8.49 15.21 0.86
CA GLN E 101 -8.79 15.22 2.27
C GLN E 101 -8.71 16.61 2.90
N LEU E 102 -9.67 17.45 2.51
CA LEU E 102 -9.70 18.82 2.91
C LEU E 102 -11.07 19.07 3.53
N ALA E 103 -11.07 19.92 4.56
CA ALA E 103 -12.29 20.41 5.15
C ALA E 103 -12.35 21.89 4.89
N ARG E 104 -13.56 22.43 4.93
CA ARG E 104 -13.89 23.86 4.76
C ARG E 104 -14.13 24.40 6.18
N VAL E 105 -13.41 25.44 6.61
CA VAL E 105 -13.72 26.14 7.85
C VAL E 105 -14.32 27.50 7.50
N VAL E 106 -15.52 27.76 8.02
CA VAL E 106 -16.20 29.04 7.86
C VAL E 106 -15.77 29.94 9.02
N SER E 107 -15.71 31.26 8.76
CA SER E 107 -15.18 32.21 9.73
C SER E 107 -15.95 32.22 11.06
N ASP E 108 -17.17 31.67 11.07
CA ASP E 108 -17.95 31.56 12.31
C ASP E 108 -17.65 30.28 13.11
N GLY E 109 -16.78 29.41 12.59
CA GLY E 109 -16.32 28.24 13.33
C GLY E 109 -17.02 26.96 12.86
N GLU E 110 -17.94 27.07 11.88
CA GLU E 110 -18.53 25.90 11.27
C GLU E 110 -17.48 25.17 10.44
N VAL E 111 -17.49 23.83 10.53
CA VAL E 111 -16.62 22.98 9.73
C VAL E 111 -17.46 22.10 8.83
N LEU E 112 -17.12 22.10 7.52
CA LEU E 112 -17.77 21.28 6.51
C LEU E 112 -16.72 20.31 5.94
N TYR E 113 -16.94 19.01 6.16
CA TYR E 113 -16.14 17.90 5.56
C TYR E 113 -17.11 17.02 4.77
N MET E 114 -16.84 16.86 3.48
CA MET E 114 -17.72 16.14 2.56
C MET E 114 -16.88 15.24 1.66
N PRO E 115 -16.32 14.14 2.19
CA PRO E 115 -15.60 13.19 1.37
C PRO E 115 -16.58 12.42 0.49
N SER E 116 -16.14 12.07 -0.71
CA SER E 116 -16.80 11.07 -1.52
C SER E 116 -16.22 9.74 -1.13
N ILE E 117 -17.09 8.80 -0.76
CA ILE E 117 -16.68 7.52 -0.22
C ILE E 117 -17.28 6.37 -1.03
N ARG E 118 -16.44 5.38 -1.32
CA ARG E 118 -16.93 4.09 -1.87
C ARG E 118 -16.79 3.00 -0.80
N GLN E 119 -17.89 2.28 -0.55
CA GLN E 119 -17.91 1.31 0.52
C GLN E 119 -18.95 0.21 0.28
N ARG E 120 -18.62 -1.01 0.71
CA ARG E 120 -19.51 -2.18 0.66
C ARG E 120 -20.25 -2.33 2.00
N PHE E 121 -21.53 -2.71 1.96
CA PHE E 121 -22.32 -2.96 3.15
C PHE E 121 -23.02 -4.31 3.16
N SER E 122 -23.25 -4.83 4.37
CA SER E 122 -24.16 -5.93 4.59
C SER E 122 -25.55 -5.28 4.76
N CYS E 123 -26.51 -5.71 3.96
CA CYS E 123 -27.77 -4.97 3.79
C CYS E 123 -28.89 -5.87 3.32
N ASP E 124 -30.11 -5.56 3.75
CA ASP E 124 -31.34 -6.17 3.27
C ASP E 124 -31.58 -5.80 1.80
N VAL E 125 -31.35 -6.76 0.90
CA VAL E 125 -31.34 -6.50 -0.54
C VAL E 125 -32.54 -7.04 -1.30
N SER E 126 -33.59 -7.44 -0.55
CA SER E 126 -34.78 -8.07 -1.10
C SER E 126 -35.56 -7.17 -2.02
N GLY E 127 -35.97 -7.68 -3.19
CA GLY E 127 -36.88 -7.00 -4.08
C GLY E 127 -36.31 -5.88 -4.92
N VAL E 128 -34.98 -5.85 -5.06
CA VAL E 128 -34.29 -4.94 -6.00
C VAL E 128 -34.89 -4.98 -7.44
N ASP E 129 -35.36 -6.16 -7.85
CA ASP E 129 -36.05 -6.35 -9.14
C ASP E 129 -37.55 -6.12 -9.14
N THR E 130 -38.10 -5.58 -8.05
CA THR E 130 -39.54 -5.34 -7.92
C THR E 130 -39.84 -3.83 -7.95
N GLU E 131 -41.12 -3.49 -8.12
CA GLU E 131 -41.59 -2.11 -8.22
C GLU E 131 -41.30 -1.35 -6.90
N SER E 132 -41.53 -2.03 -5.78
CA SER E 132 -41.36 -1.47 -4.45
C SER E 132 -39.88 -1.30 -4.11
N GLY E 133 -39.04 -2.23 -4.60
CA GLY E 133 -37.59 -2.12 -4.52
C GLY E 133 -37.04 -2.78 -3.30
N ALA E 134 -35.73 -2.61 -3.09
CA ALA E 134 -35.03 -3.00 -1.85
C ALA E 134 -34.76 -1.78 -1.01
N THR E 135 -34.66 -1.97 0.30
CA THR E 135 -34.27 -0.88 1.21
C THR E 135 -33.11 -1.30 2.07
N CYS E 136 -31.96 -0.66 1.84
CA CYS E 136 -30.70 -0.98 2.47
C CYS E 136 -30.40 0.13 3.53
N ARG E 137 -30.07 -0.30 4.75
CA ARG E 137 -29.75 0.60 5.88
C ARG E 137 -28.24 0.77 6.07
N ILE E 138 -27.79 2.01 6.28
CA ILE E 138 -26.42 2.30 6.62
C ILE E 138 -26.47 3.03 7.95
N LYS E 139 -25.71 2.54 8.94
CA LYS E 139 -25.66 3.10 10.27
C LYS E 139 -24.37 3.80 10.47
N ILE E 140 -24.39 5.14 10.59
CA ILE E 140 -23.15 5.90 10.81
C ILE E 140 -23.16 6.69 12.10
N GLY E 141 -22.12 6.47 12.91
CA GLY E 141 -21.91 7.17 14.16
C GLY E 141 -20.50 7.14 14.67
N SER E 142 -20.24 7.76 15.81
CA SER E 142 -18.89 7.88 16.36
C SER E 142 -18.50 6.52 16.84
N TRP E 143 -17.27 6.11 16.50
CA TRP E 143 -16.78 4.80 16.92
C TRP E 143 -16.44 4.80 18.45
N THR E 144 -15.93 5.92 18.99
CA THR E 144 -15.43 5.93 20.37
C THR E 144 -16.06 6.90 21.35
N HIS E 145 -16.87 7.83 20.85
CA HIS E 145 -17.50 8.83 21.70
C HIS E 145 -18.97 8.51 21.85
N HIS E 146 -19.41 8.34 23.10
CA HIS E 146 -20.78 8.04 23.43
C HIS E 146 -21.66 9.28 23.43
N SER E 147 -22.96 9.10 23.68
CA SER E 147 -23.92 10.18 23.36
C SER E 147 -23.83 11.47 24.20
N ARG E 148 -23.18 11.41 25.35
CA ARG E 148 -22.91 12.62 26.18
C ARG E 148 -21.71 13.39 25.64
N GLU E 149 -20.95 12.83 24.71
CA GLU E 149 -19.77 13.49 24.13
C GLU E 149 -19.95 13.94 22.70
N ILE E 150 -20.53 13.07 21.86
CA ILE E 150 -20.97 13.42 20.53
C ILE E 150 -22.44 13.06 20.29
N SER E 151 -23.21 13.97 19.70
CA SER E 151 -24.54 13.67 19.26
C SER E 151 -24.47 13.69 17.66
N VAL E 152 -25.36 12.90 17.05
CA VAL E 152 -25.44 12.74 15.65
C VAL E 152 -26.85 13.06 15.21
N ASP E 153 -26.96 14.03 14.31
CA ASP E 153 -28.25 14.47 13.81
C ASP E 153 -28.25 14.49 12.29
N PRO E 154 -29.33 14.05 11.63
CA PRO E 154 -29.48 14.23 10.19
C PRO E 154 -29.73 15.73 9.93
N THR E 155 -29.36 16.24 8.75
CA THR E 155 -29.32 17.70 8.49
C THR E 155 -30.68 18.36 8.21
N ASP E 161 -35.04 14.81 -4.21
CA ASP E 161 -33.90 15.39 -3.50
C ASP E 161 -32.60 14.52 -3.60
N SER E 162 -32.63 13.43 -4.40
CA SER E 162 -31.43 12.77 -4.93
C SER E 162 -30.89 13.46 -6.25
N GLU E 163 -30.46 14.71 -6.04
CA GLU E 163 -29.95 15.58 -7.05
C GLU E 163 -28.67 15.07 -7.67
N TYR E 164 -27.92 14.21 -6.99
CA TYR E 164 -26.50 13.90 -7.28
C TYR E 164 -26.35 12.50 -7.88
N PHE E 165 -27.43 11.71 -8.02
CA PHE E 165 -27.33 10.33 -8.41
C PHE E 165 -27.06 10.19 -9.91
N SER E 166 -26.05 9.40 -10.27
CA SER E 166 -25.66 9.18 -11.66
C SER E 166 -26.84 8.64 -12.40
N GLN E 167 -27.18 9.27 -13.52
CA GLN E 167 -28.28 8.80 -14.37
C GLN E 167 -27.88 7.57 -15.21
N TYR E 168 -26.59 7.26 -15.24
CA TYR E 168 -26.00 6.10 -15.96
C TYR E 168 -25.93 4.86 -15.04
N SER E 169 -26.26 4.98 -13.75
CA SER E 169 -26.44 3.81 -12.89
C SER E 169 -27.48 2.82 -13.41
N ARG E 170 -27.29 1.54 -13.13
CA ARG E 170 -28.29 0.46 -13.42
C ARG E 170 -29.51 0.58 -12.51
N PHE E 171 -29.39 1.29 -11.39
CA PHE E 171 -30.47 1.39 -10.42
C PHE E 171 -31.02 2.79 -10.41
N GLU E 172 -32.21 2.93 -9.80
CA GLU E 172 -32.79 4.24 -9.54
C GLU E 172 -33.20 4.29 -8.07
N ILE E 173 -33.11 5.51 -7.52
CA ILE E 173 -33.45 5.80 -6.12
C ILE E 173 -34.91 6.18 -5.98
N LEU E 174 -35.64 5.38 -5.23
CA LEU E 174 -37.05 5.62 -4.94
C LEU E 174 -37.20 6.60 -3.77
N ASP E 175 -36.37 6.42 -2.73
CA ASP E 175 -36.43 7.22 -1.53
C ASP E 175 -35.19 7.02 -0.66
N VAL E 176 -34.74 8.11 -0.02
CA VAL E 176 -33.76 8.04 1.06
C VAL E 176 -34.42 8.64 2.29
N THR E 177 -34.37 7.93 3.42
CA THR E 177 -34.77 8.51 4.71
C THR E 177 -33.68 8.30 5.76
N GLN E 178 -33.60 9.25 6.69
CA GLN E 178 -32.46 9.41 7.61
C GLN E 178 -33.08 9.61 8.96
N LYS E 179 -32.95 8.63 9.85
CA LYS E 179 -33.40 8.80 11.22
C LYS E 179 -32.25 8.64 12.21
N LYS E 180 -32.49 9.11 13.43
CA LYS E 180 -31.52 9.14 14.50
C LYS E 180 -31.72 7.96 15.45
N ASN E 181 -30.64 7.41 15.96
CA ASN E 181 -30.78 6.25 16.82
C ASN E 181 -29.62 6.12 17.77
N SER E 182 -29.65 5.06 18.59
CA SER E 182 -28.71 4.75 19.61
C SER E 182 -28.28 3.29 19.36
N VAL E 183 -26.96 3.07 19.19
CA VAL E 183 -26.38 1.77 19.35
C VAL E 183 -25.80 1.53 20.75
N THR E 184 -26.10 0.32 21.21
CA THR E 184 -25.48 -0.30 22.39
C THR E 184 -25.09 -1.72 22.03
N TYR E 185 -23.96 -2.18 22.58
CA TYR E 185 -23.47 -3.59 22.53
C TYR E 185 -23.09 -4.03 23.94
N SER E 186 -23.00 -5.35 24.18
CA SER E 186 -22.59 -5.92 25.47
C SER E 186 -21.19 -5.58 25.92
N CYS E 187 -20.33 -5.12 25.00
CA CYS E 187 -18.97 -4.64 25.32
C CYS E 187 -18.97 -3.44 26.27
N CYS E 188 -19.84 -2.49 25.98
CA CYS E 188 -19.70 -1.11 26.40
C CYS E 188 -20.96 -0.64 27.16
N PRO E 189 -20.78 0.04 28.32
CA PRO E 189 -21.93 0.45 29.14
C PRO E 189 -22.65 1.69 28.59
N GLU E 190 -22.02 2.44 27.68
CA GLU E 190 -22.60 3.65 27.16
C GLU E 190 -23.21 3.44 25.83
N ALA E 191 -24.04 4.39 25.37
CA ALA E 191 -24.72 4.34 24.06
C ALA E 191 -24.18 5.36 23.08
N TYR E 192 -24.16 4.98 21.81
CA TYR E 192 -23.50 5.74 20.72
C TYR E 192 -24.57 6.19 19.74
N GLU E 193 -24.71 7.50 19.56
CA GLU E 193 -25.68 8.00 18.58
C GLU E 193 -25.19 7.73 17.16
N ASP E 194 -26.15 7.44 16.28
CA ASP E 194 -25.92 7.22 14.88
C ASP E 194 -27.05 7.84 14.07
N VAL E 195 -26.78 7.95 12.77
CA VAL E 195 -27.82 8.18 11.80
C VAL E 195 -28.00 6.87 11.02
N GLU E 196 -29.26 6.44 10.92
CA GLU E 196 -29.65 5.28 10.13
C GLU E 196 -30.22 5.83 8.84
N VAL E 197 -29.50 5.52 7.74
CA VAL E 197 -29.87 5.97 6.42
C VAL E 197 -30.45 4.79 5.71
N SER E 198 -31.69 4.96 5.22
CA SER E 198 -32.46 3.95 4.50
C SER E 198 -32.54 4.36 3.04
N LEU E 199 -31.95 3.49 2.19
CA LEU E 199 -31.79 3.73 0.75
C LEU E 199 -32.73 2.74 0.10
N ASN E 200 -33.84 3.27 -0.43
CA ASN E 200 -34.82 2.49 -1.11
C ASN E 200 -34.52 2.64 -2.62
N PHE E 201 -34.09 1.55 -3.25
CA PHE E 201 -33.66 1.59 -4.66
C PHE E 201 -34.08 0.31 -5.36
N ARG E 202 -34.15 0.37 -6.70
CA ARG E 202 -34.45 -0.83 -7.54
C ARG E 202 -33.70 -0.74 -8.87
N LYS E 203 -33.67 -1.86 -9.60
CA LYS E 203 -33.19 -1.91 -10.97
C LYS E 203 -34.12 -1.12 -11.87
N LYS E 204 -33.57 -0.38 -12.82
CA LYS E 204 -34.34 0.28 -13.87
C LYS E 204 -34.81 -0.75 -14.88
N GLY E 205 -36.01 -0.56 -15.42
CA GLY E 205 -36.72 -1.57 -16.16
C GLY E 205 -36.95 -0.98 -17.52
N THR F 1 15.02 13.18 -46.92
CA THR F 1 14.97 13.38 -45.44
C THR F 1 13.60 13.86 -44.96
N ARG F 2 13.16 13.35 -43.80
CA ARG F 2 11.79 13.50 -43.27
C ARG F 2 11.56 14.93 -42.75
N MET F 3 10.40 15.49 -43.09
CA MET F 3 9.92 16.76 -42.60
C MET F 3 8.68 16.43 -41.77
N CYS F 4 8.68 16.95 -40.54
CA CYS F 4 7.57 16.83 -39.58
C CYS F 4 7.07 18.25 -39.34
N GLY F 5 5.88 18.55 -39.87
CA GLY F 5 5.34 19.89 -39.83
C GLY F 5 6.23 20.80 -40.65
N SER F 6 6.75 21.86 -40.02
CA SER F 6 7.73 22.78 -40.64
C SER F 6 9.18 22.36 -40.37
N MET F 7 9.36 21.27 -39.60
CA MET F 7 10.67 20.85 -39.10
C MET F 7 11.33 19.74 -39.93
N SER F 8 12.60 19.98 -40.29
CA SER F 8 13.43 19.05 -41.02
C SER F 8 14.20 18.21 -39.97
N CYS F 9 14.15 16.88 -40.10
CA CYS F 9 14.71 15.98 -39.12
C CYS F 9 16.24 15.90 -39.17
N PRO F 10 16.94 15.80 -38.04
CA PRO F 10 18.41 15.90 -37.98
C PRO F 10 19.22 14.87 -38.80
N ARG F 11 18.66 13.67 -38.95
CA ARG F 11 19.25 12.49 -39.61
C ARG F 11 18.10 11.66 -40.22
N ASN F 12 18.43 10.56 -40.91
CA ASN F 12 17.41 9.70 -41.50
C ASN F 12 16.90 8.65 -40.52
N GLY F 13 15.80 8.01 -40.92
CA GLY F 13 15.13 7.02 -40.12
C GLY F 13 14.38 7.62 -38.96
N CYS F 14 14.03 8.90 -39.08
CA CYS F 14 13.24 9.57 -38.06
C CYS F 14 11.78 9.39 -38.43
N THR F 15 10.95 9.34 -37.40
CA THR F 15 9.49 9.37 -37.45
C THR F 15 8.99 10.74 -36.92
N CYS F 16 7.73 11.07 -37.25
CA CYS F 16 7.09 12.29 -36.80
C CYS F 16 6.29 12.06 -35.55
N VAL F 17 6.26 13.11 -34.72
CA VAL F 17 5.46 13.19 -33.50
C VAL F 17 4.96 14.61 -33.31
N TYR F 18 3.83 14.76 -32.61
CA TYR F 18 3.24 16.08 -32.25
C TYR F 18 2.93 16.08 -30.77
N HIS F 19 3.47 17.05 -30.04
CA HIS F 19 3.27 17.23 -28.63
C HIS F 19 2.39 18.45 -28.46
N TRP F 20 1.47 18.38 -27.50
CA TRP F 20 0.38 19.36 -27.31
C TRP F 20 0.85 20.77 -26.95
N ARG F 21 2.09 20.88 -26.46
CA ARG F 21 2.73 22.15 -26.00
C ARG F 21 3.98 22.47 -26.85
N ARG F 22 4.77 21.46 -27.23
CA ARG F 22 6.10 21.63 -27.89
C ARG F 22 6.00 21.66 -29.43
N GLY F 23 4.91 21.12 -30.00
CA GLY F 23 4.66 21.19 -31.43
C GLY F 23 5.05 19.93 -32.18
N HIS F 24 5.30 20.06 -33.49
CA HIS F 24 5.85 19.00 -34.30
C HIS F 24 7.28 18.66 -33.86
N GLY F 25 7.59 17.37 -33.86
CA GLY F 25 8.89 16.85 -33.50
C GLY F 25 9.34 15.71 -34.40
N CYS F 26 10.64 15.40 -34.31
CA CYS F 26 11.26 14.24 -34.91
C CYS F 26 11.72 13.28 -33.84
N SER F 27 11.22 12.03 -33.90
CA SER F 27 11.73 10.91 -33.09
C SER F 27 12.78 10.21 -33.91
N CYS F 28 14.03 10.32 -33.49
CA CYS F 28 15.17 9.81 -34.24
C CYS F 28 15.90 8.68 -33.52
N PRO F 29 16.44 7.69 -34.28
CA PRO F 29 17.31 6.67 -33.70
C PRO F 29 18.61 7.24 -33.12
N GLY F 30 19.24 6.45 -32.23
CA GLY F 30 20.53 6.74 -31.65
C GLY F 30 20.46 7.76 -30.54
N THR G 1 0.83 -38.68 33.40
CA THR G 1 1.18 -37.38 32.75
C THR G 1 1.66 -37.54 31.30
N ARG G 2 1.22 -36.63 30.42
CA ARG G 2 1.60 -36.61 28.98
C ARG G 2 3.05 -36.11 28.84
N MET G 3 3.88 -36.79 28.04
CA MET G 3 5.31 -36.48 27.92
C MET G 3 5.56 -36.03 26.49
N CYS G 4 6.16 -34.84 26.35
CA CYS G 4 6.51 -34.23 25.08
C CYS G 4 8.02 -34.08 25.04
N GLY G 5 8.67 -34.90 24.21
CA GLY G 5 10.12 -35.04 24.21
C GLY G 5 10.60 -35.51 25.57
N SER G 6 11.46 -34.69 26.20
CA SER G 6 11.98 -34.95 27.55
C SER G 6 11.09 -34.37 28.66
N MET G 7 10.03 -33.66 28.26
CA MET G 7 9.22 -32.84 29.17
C MET G 7 7.91 -33.48 29.59
N SER G 8 7.63 -33.41 30.90
CA SER G 8 6.49 -34.06 31.56
C SER G 8 5.08 -33.36 31.59
N CYS G 9 5.02 -32.08 31.25
CA CYS G 9 3.77 -31.31 31.15
C CYS G 9 3.15 -31.00 32.51
N PRO G 10 2.76 -29.72 32.77
CA PRO G 10 2.19 -29.33 34.06
C PRO G 10 0.85 -29.99 34.41
N ARG G 11 0.02 -30.35 33.42
CA ARG G 11 -1.46 -30.42 33.61
C ARG G 11 -2.11 -31.41 32.62
N ASN G 12 -3.43 -31.55 32.72
CA ASN G 12 -4.17 -32.55 31.96
C ASN G 12 -4.68 -32.04 30.66
N GLY G 13 -4.83 -32.95 29.69
CA GLY G 13 -5.37 -32.67 28.38
C GLY G 13 -4.43 -31.87 27.54
N CYS G 14 -3.12 -31.99 27.80
CA CYS G 14 -2.15 -31.13 27.12
C CYS G 14 -2.06 -31.27 25.58
N THR G 15 -0.95 -31.75 25.03
CA THR G 15 -0.68 -31.66 23.60
C THR G 15 0.73 -31.22 23.47
N CYS G 16 1.42 -31.87 22.52
CA CYS G 16 2.83 -31.66 22.29
C CYS G 16 3.03 -30.67 21.17
N VAL G 17 4.11 -29.88 21.28
CA VAL G 17 4.57 -28.91 20.29
C VAL G 17 6.10 -28.87 20.29
N TYR G 18 6.68 -28.43 19.16
CA TYR G 18 8.13 -28.18 19.03
C TYR G 18 8.35 -26.75 18.51
N HIS G 19 9.21 -26.00 19.19
CA HIS G 19 9.63 -24.68 18.73
C HIS G 19 11.08 -24.85 18.27
N TRP G 20 11.41 -24.16 17.17
CA TRP G 20 12.65 -24.38 16.41
C TRP G 20 13.93 -24.01 17.16
N ARG G 21 13.79 -23.22 18.24
CA ARG G 21 14.91 -22.74 19.10
C ARG G 21 14.74 -23.23 20.55
N ARG G 22 13.50 -23.30 21.07
CA ARG G 22 13.17 -23.52 22.52
C ARG G 22 12.93 -25.00 22.81
N GLY G 23 12.66 -25.82 21.80
CA GLY G 23 12.59 -27.27 21.93
C GLY G 23 11.20 -27.82 22.07
N HIS G 24 11.10 -29.03 22.64
CA HIS G 24 9.82 -29.67 22.91
C HIS G 24 9.03 -28.89 23.96
N GLY G 25 7.71 -28.82 23.78
CA GLY G 25 6.82 -28.07 24.64
C GLY G 25 5.48 -28.73 24.88
N CYS G 26 4.76 -28.24 25.89
CA CYS G 26 3.41 -28.67 26.20
C CYS G 26 2.43 -27.51 26.03
N SER G 27 1.44 -27.68 25.15
CA SER G 27 0.31 -26.76 25.02
C SER G 27 -0.79 -27.28 25.91
N CYS G 28 -1.08 -26.55 26.99
CA CYS G 28 -2.05 -27.00 27.99
C CYS G 28 -3.31 -26.15 28.06
N PRO G 29 -4.50 -26.78 28.17
CA PRO G 29 -5.77 -26.07 28.07
C PRO G 29 -6.06 -25.12 29.24
N GLY G 30 -7.28 -24.54 29.22
CA GLY G 30 -7.87 -23.75 30.30
C GLY G 30 -7.41 -22.31 30.22
N THR H 1 33.30 -30.80 -13.96
CA THR H 1 31.88 -30.32 -13.91
C THR H 1 31.61 -29.17 -14.89
N ARG H 2 30.77 -28.23 -14.47
CA ARG H 2 30.15 -27.22 -15.36
C ARG H 2 31.17 -26.13 -15.69
N MET H 3 31.17 -25.69 -16.95
CA MET H 3 31.64 -24.39 -17.36
C MET H 3 30.40 -23.53 -17.64
N CYS H 4 30.36 -22.37 -16.98
CA CYS H 4 29.29 -21.37 -17.12
C CYS H 4 29.95 -20.12 -17.66
N GLY H 5 29.74 -19.84 -18.96
CA GLY H 5 30.50 -18.86 -19.71
C GLY H 5 32.00 -19.01 -19.56
N SER H 6 32.63 -17.97 -18.98
CA SER H 6 34.07 -17.93 -18.71
C SER H 6 34.45 -18.55 -17.36
N MET H 7 33.44 -18.99 -16.58
CA MET H 7 33.65 -19.58 -15.27
C MET H 7 33.66 -21.13 -15.25
N SER H 8 34.72 -21.67 -14.62
CA SER H 8 34.81 -23.08 -14.29
C SER H 8 34.28 -23.23 -12.85
N CYS H 9 33.33 -24.15 -12.64
CA CYS H 9 32.65 -24.27 -11.34
C CYS H 9 33.50 -24.94 -10.27
N PRO H 10 33.50 -24.41 -9.02
CA PRO H 10 34.37 -24.92 -7.96
C PRO H 10 34.16 -26.38 -7.53
N ARG H 11 32.95 -26.94 -7.70
CA ARG H 11 32.61 -28.31 -7.19
C ARG H 11 31.62 -29.02 -8.13
N ASN H 12 31.02 -30.13 -7.68
CA ASN H 12 29.97 -30.79 -8.43
C ASN H 12 28.59 -30.22 -8.06
N GLY H 13 27.62 -30.52 -8.91
CA GLY H 13 26.23 -30.21 -8.67
C GLY H 13 25.90 -28.74 -8.84
N CYS H 14 26.75 -28.01 -9.56
CA CYS H 14 26.59 -26.59 -9.72
C CYS H 14 25.76 -26.36 -10.98
N THR H 15 24.95 -25.30 -10.95
CA THR H 15 24.17 -24.80 -12.09
C THR H 15 24.74 -23.42 -12.55
N CYS H 16 24.35 -22.97 -13.75
CA CYS H 16 24.83 -21.71 -14.32
C CYS H 16 23.87 -20.56 -14.06
N VAL H 17 24.44 -19.35 -13.91
CA VAL H 17 23.72 -18.07 -13.79
C VAL H 17 24.51 -16.95 -14.47
N TYR H 18 23.82 -15.88 -14.88
CA TYR H 18 24.45 -14.64 -15.41
C TYR H 18 23.83 -13.43 -14.69
N HIS H 19 24.67 -12.56 -14.11
CA HIS H 19 24.22 -11.27 -13.62
C HIS H 19 24.79 -10.22 -14.58
N TRP H 20 24.00 -9.16 -14.85
CA TRP H 20 24.26 -8.22 -15.96
C TRP H 20 25.53 -7.37 -15.77
N ARG H 21 26.03 -7.32 -14.53
CA ARG H 21 27.22 -6.51 -14.14
C ARG H 21 28.31 -7.39 -13.53
N ARG H 22 27.98 -8.51 -12.85
CA ARG H 22 28.92 -9.42 -12.16
C ARG H 22 29.43 -10.54 -13.07
N GLY H 23 28.70 -10.84 -14.16
CA GLY H 23 29.12 -11.78 -15.18
C GLY H 23 28.50 -13.17 -15.03
N HIS H 24 29.11 -14.11 -15.75
CA HIS H 24 28.76 -15.53 -15.65
C HIS H 24 29.14 -16.06 -14.27
N GLY H 25 28.30 -16.94 -13.73
CA GLY H 25 28.50 -17.49 -12.41
C GLY H 25 28.09 -18.93 -12.26
N CYS H 26 28.56 -19.56 -11.17
CA CYS H 26 28.19 -20.90 -10.77
C CYS H 26 27.43 -20.85 -9.46
N SER H 27 26.21 -21.38 -9.47
CA SER H 27 25.43 -21.58 -8.25
C SER H 27 25.72 -22.98 -7.75
N CYS H 28 26.42 -23.08 -6.61
CA CYS H 28 26.93 -24.32 -6.09
C CYS H 28 26.30 -24.78 -4.79
N PRO H 29 26.11 -26.09 -4.57
CA PRO H 29 25.72 -26.64 -3.28
C PRO H 29 26.77 -26.37 -2.18
N GLY H 30 26.32 -26.46 -0.91
CA GLY H 30 27.15 -26.25 0.26
C GLY H 30 27.44 -24.77 0.52
#